data_1IRZ
#
_entry.id   1IRZ
#
_entity_poly.entity_id   1
_entity_poly.type   'polypeptide(L)'
_entity_poly.pdbx_seq_one_letter_code
;TAQKKPRVLWTHELHNKFLAAVDHLGVERAVPKKILDLMNVDKLTRENVASHLQKFRVALKKVS
;
_entity_poly.pdbx_strand_id   A
#
# COMPACT_ATOMS: atom_id res chain seq x y z
N THR A 1 -3.13 12.53 22.00
CA THR A 1 -3.44 13.70 21.12
C THR A 1 -3.10 13.35 19.67
N ALA A 2 -4.10 13.10 18.87
CA ALA A 2 -3.84 12.76 17.44
C ALA A 2 -5.16 12.44 16.74
N GLN A 3 -5.15 12.37 15.44
CA GLN A 3 -6.41 12.07 14.70
C GLN A 3 -7.06 10.83 15.31
N LYS A 4 -8.18 10.42 14.78
CA LYS A 4 -8.88 9.21 15.33
C LYS A 4 -9.75 8.59 14.25
N LYS A 5 -9.18 8.26 13.12
CA LYS A 5 -9.99 7.64 12.03
C LYS A 5 -10.05 6.13 12.24
N PRO A 6 -11.23 5.57 12.08
CA PRO A 6 -11.45 4.12 12.26
C PRO A 6 -10.98 3.35 11.03
N ARG A 7 -10.29 2.26 11.22
CA ARG A 7 -9.79 1.44 10.07
C ARG A 7 -9.32 2.37 8.95
N VAL A 8 -8.06 2.73 8.96
CA VAL A 8 -7.54 3.63 7.89
C VAL A 8 -7.54 2.88 6.56
N LEU A 9 -8.17 3.43 5.55
CA LEU A 9 -8.20 2.75 4.23
C LEU A 9 -7.02 3.22 3.38
N TRP A 10 -6.88 4.50 3.22
CA TRP A 10 -5.74 5.03 2.41
C TRP A 10 -5.51 6.51 2.75
N THR A 11 -4.84 6.77 3.83
CA THR A 11 -4.59 8.19 4.22
C THR A 11 -3.10 8.48 4.13
N HIS A 12 -2.69 9.70 4.35
CA HIS A 12 -1.25 10.05 4.27
C HIS A 12 -0.47 9.16 5.25
N GLU A 13 -1.13 8.61 6.22
CA GLU A 13 -0.41 7.74 7.20
C GLU A 13 -0.23 6.34 6.60
N LEU A 14 -1.31 5.68 6.27
CA LEU A 14 -1.19 4.32 5.68
C LEU A 14 -0.35 4.38 4.40
N HIS A 15 -0.22 5.54 3.83
CA HIS A 15 0.57 5.67 2.56
C HIS A 15 2.06 5.73 2.91
N ASN A 16 2.40 6.27 4.05
CA ASN A 16 3.84 6.36 4.45
C ASN A 16 4.36 4.98 4.81
N LYS A 17 3.53 4.13 5.36
CA LYS A 17 3.99 2.77 5.74
C LYS A 17 4.14 1.92 4.47
N PHE A 18 3.20 2.02 3.57
CA PHE A 18 3.29 1.21 2.33
C PHE A 18 4.46 1.70 1.47
N LEU A 19 4.90 2.92 1.66
CA LEU A 19 6.04 3.44 0.85
C LEU A 19 7.36 2.94 1.45
N ALA A 20 7.50 3.01 2.74
CA ALA A 20 8.77 2.55 3.37
C ALA A 20 8.81 1.03 3.38
N ALA A 21 7.67 0.39 3.25
CA ALA A 21 7.65 -1.09 3.24
C ALA A 21 8.05 -1.59 1.85
N VAL A 22 7.62 -0.92 0.82
CA VAL A 22 8.00 -1.34 -0.56
C VAL A 22 9.48 -1.02 -0.77
N ASP A 23 9.87 0.17 -0.41
CA ASP A 23 11.29 0.58 -0.56
C ASP A 23 12.16 -0.35 0.27
N HIS A 24 11.74 -0.65 1.47
CA HIS A 24 12.55 -1.55 2.34
C HIS A 24 12.73 -2.90 1.65
N LEU A 25 11.85 -3.24 0.74
CA LEU A 25 11.97 -4.54 0.03
C LEU A 25 12.32 -4.32 -1.44
N GLY A 26 12.42 -3.09 -1.86
CA GLY A 26 12.74 -2.82 -3.29
C GLY A 26 11.46 -2.95 -4.11
N VAL A 27 10.93 -1.85 -4.57
CA VAL A 27 9.68 -1.90 -5.37
C VAL A 27 9.84 -2.89 -6.53
N GLU A 28 11.06 -3.20 -6.88
CA GLU A 28 11.29 -4.15 -8.00
C GLU A 28 10.87 -5.57 -7.59
N ARG A 29 11.22 -5.98 -6.40
CA ARG A 29 10.86 -7.36 -5.96
C ARG A 29 9.92 -7.29 -4.75
N ALA A 30 9.36 -6.14 -4.47
CA ALA A 30 8.45 -6.02 -3.30
C ALA A 30 7.06 -6.56 -3.66
N VAL A 31 6.60 -7.56 -2.96
CA VAL A 31 5.25 -8.13 -3.26
C VAL A 31 4.25 -7.58 -2.24
N PRO A 32 2.99 -7.58 -2.62
CA PRO A 32 1.91 -7.09 -1.76
C PRO A 32 1.58 -8.12 -0.68
N LYS A 33 1.88 -9.37 -0.93
CA LYS A 33 1.60 -10.42 0.08
C LYS A 33 2.50 -10.21 1.29
N LYS A 34 3.79 -10.13 1.07
CA LYS A 34 4.72 -9.93 2.21
C LYS A 34 4.50 -8.54 2.79
N ILE A 35 4.32 -7.54 1.97
CA ILE A 35 4.10 -6.18 2.53
C ILE A 35 2.78 -6.18 3.29
N LEU A 36 1.89 -7.08 2.96
CA LEU A 36 0.61 -7.13 3.70
C LEU A 36 0.92 -7.23 5.19
N ASP A 37 1.97 -7.94 5.52
CA ASP A 37 2.36 -8.06 6.95
C ASP A 37 2.94 -6.73 7.42
N LEU A 38 3.61 -6.04 6.54
CA LEU A 38 4.20 -4.72 6.91
C LEU A 38 3.08 -3.80 7.41
N MET A 39 1.93 -3.86 6.79
CA MET A 39 0.81 -2.99 7.22
C MET A 39 0.23 -3.51 8.54
N ASN A 40 -0.10 -4.78 8.60
CA ASN A 40 -0.65 -5.34 9.86
C ASN A 40 -1.90 -4.54 10.25
N VAL A 41 -2.57 -3.96 9.30
CA VAL A 41 -3.79 -3.18 9.61
C VAL A 41 -5.03 -4.06 9.44
N ASP A 42 -6.09 -3.76 10.14
CA ASP A 42 -7.31 -4.58 10.01
C ASP A 42 -8.08 -4.18 8.75
N LYS A 43 -8.73 -5.12 8.12
CA LYS A 43 -9.49 -4.80 6.88
C LYS A 43 -8.52 -4.66 5.69
N LEU A 44 -7.24 -4.79 5.95
CA LEU A 44 -6.25 -4.67 4.84
C LEU A 44 -5.78 -6.07 4.43
N THR A 45 -5.99 -6.43 3.19
CA THR A 45 -5.56 -7.78 2.73
C THR A 45 -4.46 -7.62 1.68
N ARG A 46 -3.96 -8.72 1.16
CA ARG A 46 -2.88 -8.63 0.13
C ARG A 46 -3.51 -8.24 -1.22
N GLU A 47 -4.74 -8.57 -1.42
CA GLU A 47 -5.40 -8.22 -2.72
C GLU A 47 -5.66 -6.70 -2.76
N ASN A 48 -5.74 -6.08 -1.62
CA ASN A 48 -6.00 -4.61 -1.60
C ASN A 48 -4.71 -3.87 -1.96
N VAL A 49 -3.58 -4.36 -1.54
CA VAL A 49 -2.30 -3.69 -1.87
C VAL A 49 -1.85 -4.12 -3.27
N ALA A 50 -2.26 -5.29 -3.70
CA ALA A 50 -1.85 -5.77 -5.04
C ALA A 50 -2.69 -5.05 -6.11
N SER A 51 -3.82 -4.52 -5.73
CA SER A 51 -4.67 -3.80 -6.71
C SER A 51 -4.08 -2.41 -6.98
N HIS A 52 -3.72 -1.70 -5.95
CA HIS A 52 -3.13 -0.35 -6.15
C HIS A 52 -1.82 -0.47 -6.91
N LEU A 53 -1.13 -1.55 -6.76
CA LEU A 53 0.16 -1.74 -7.48
C LEU A 53 -0.11 -1.98 -8.96
N GLN A 54 -1.02 -2.87 -9.27
CA GLN A 54 -1.35 -3.15 -10.69
C GLN A 54 -2.05 -1.93 -11.31
N LYS A 55 -2.59 -1.07 -10.48
CA LYS A 55 -3.28 0.14 -11.01
C LYS A 55 -2.24 1.20 -11.38
N PHE A 56 -1.12 1.19 -10.72
CA PHE A 56 -0.06 2.19 -11.03
C PHE A 56 0.56 1.88 -12.40
N ARG A 57 0.89 0.64 -12.64
CA ARG A 57 1.48 0.28 -13.96
C ARG A 57 0.52 0.74 -15.06
N VAL A 58 -0.75 0.55 -14.84
CA VAL A 58 -1.75 1.01 -15.84
C VAL A 58 -1.68 2.52 -15.94
N ALA A 59 -1.50 3.18 -14.83
CA ALA A 59 -1.39 4.66 -14.85
C ALA A 59 -0.01 5.06 -15.40
N LEU A 60 0.87 4.10 -15.51
CA LEU A 60 2.23 4.39 -16.05
C LEU A 60 2.24 4.21 -17.56
N LYS A 61 1.38 3.36 -18.07
CA LYS A 61 1.35 3.13 -19.55
C LYS A 61 1.00 4.44 -20.26
N LYS A 62 -0.25 4.78 -20.31
CA LYS A 62 -0.66 6.04 -21.00
C LYS A 62 -0.59 7.20 -20.01
N VAL A 63 0.42 8.02 -20.11
CA VAL A 63 0.55 9.18 -19.17
C VAL A 63 0.77 10.47 -19.98
N SER A 64 -0.22 11.30 -20.08
CA SER A 64 -0.07 12.56 -20.84
C SER A 64 -0.26 13.76 -19.91
N THR A 1 -16.20 17.23 16.50
CA THR A 1 -15.57 17.91 15.33
C THR A 1 -15.78 17.06 14.08
N ALA A 2 -16.94 16.49 13.94
CA ALA A 2 -17.22 15.65 12.73
C ALA A 2 -16.31 14.41 12.76
N GLN A 3 -16.40 13.58 11.76
CA GLN A 3 -15.55 12.36 11.73
C GLN A 3 -14.15 12.73 11.25
N LYS A 4 -13.15 11.98 11.67
CA LYS A 4 -11.76 12.30 11.24
C LYS A 4 -11.17 11.10 10.49
N LYS A 5 -11.57 10.90 9.26
CA LYS A 5 -11.04 9.74 8.48
C LYS A 5 -11.40 8.43 9.18
N PRO A 6 -12.45 7.80 8.72
CA PRO A 6 -12.93 6.53 9.28
C PRO A 6 -12.11 5.37 8.73
N ARG A 7 -11.46 4.61 9.60
CA ARG A 7 -10.64 3.47 9.11
C ARG A 7 -9.83 3.91 7.88
N VAL A 8 -8.67 4.47 8.09
CA VAL A 8 -7.85 4.92 6.94
C VAL A 8 -7.70 3.80 5.92
N LEU A 9 -8.20 3.99 4.74
CA LEU A 9 -8.08 2.94 3.69
C LEU A 9 -6.81 3.19 2.88
N TRP A 10 -6.50 4.44 2.61
CA TRP A 10 -5.28 4.76 1.85
C TRP A 10 -5.03 6.27 1.90
N THR A 11 -4.55 6.76 3.01
CA THR A 11 -4.29 8.22 3.12
C THR A 11 -2.79 8.49 3.17
N HIS A 12 -2.39 9.73 3.20
CA HIS A 12 -0.94 10.05 3.23
C HIS A 12 -0.30 9.40 4.47
N GLU A 13 -1.10 9.07 5.45
CA GLU A 13 -0.53 8.44 6.68
C GLU A 13 -0.33 6.94 6.45
N LEU A 14 -1.39 6.24 6.15
CA LEU A 14 -1.27 4.77 5.92
C LEU A 14 -0.36 4.51 4.71
N HIS A 15 -0.15 5.49 3.89
CA HIS A 15 0.73 5.30 2.70
C HIS A 15 2.19 5.40 3.10
N ASN A 16 2.47 6.07 4.19
CA ASN A 16 3.88 6.21 4.64
C ASN A 16 4.37 4.87 5.19
N LYS A 17 3.49 4.07 5.71
CA LYS A 17 3.93 2.74 6.26
C LYS A 17 4.11 1.76 5.10
N PHE A 18 3.15 1.70 4.21
CA PHE A 18 3.27 0.77 3.05
C PHE A 18 4.35 1.29 2.11
N LEU A 19 4.66 2.55 2.16
CA LEU A 19 5.70 3.11 1.26
C LEU A 19 7.09 2.77 1.79
N ALA A 20 7.28 2.83 3.09
CA ALA A 20 8.61 2.50 3.64
C ALA A 20 8.82 0.99 3.63
N ALA A 21 7.75 0.24 3.63
CA ALA A 21 7.88 -1.23 3.61
C ALA A 21 8.22 -1.66 2.18
N VAL A 22 7.56 -1.11 1.21
CA VAL A 22 7.86 -1.47 -0.20
C VAL A 22 9.28 -1.03 -0.54
N ASP A 23 9.61 0.17 -0.18
CA ASP A 23 10.97 0.70 -0.47
C ASP A 23 12.00 -0.18 0.24
N HIS A 24 11.75 -0.50 1.48
CA HIS A 24 12.72 -1.35 2.24
C HIS A 24 12.92 -2.70 1.52
N LEU A 25 11.97 -3.10 0.72
CA LEU A 25 12.11 -4.40 0.00
C LEU A 25 12.39 -4.16 -1.47
N GLY A 26 12.33 -2.94 -1.92
CA GLY A 26 12.58 -2.66 -3.36
C GLY A 26 11.28 -2.90 -4.14
N VAL A 27 10.67 -1.86 -4.61
CA VAL A 27 9.40 -2.01 -5.38
C VAL A 27 9.60 -3.01 -6.52
N GLU A 28 10.83 -3.26 -6.89
CA GLU A 28 11.10 -4.22 -7.99
C GLU A 28 10.66 -5.63 -7.58
N ARG A 29 11.02 -6.04 -6.39
CA ARG A 29 10.65 -7.41 -5.93
C ARG A 29 9.73 -7.30 -4.71
N ALA A 30 9.21 -6.14 -4.43
CA ALA A 30 8.33 -5.98 -3.24
C ALA A 30 6.95 -6.57 -3.55
N VAL A 31 6.63 -7.68 -2.95
CA VAL A 31 5.29 -8.29 -3.19
C VAL A 31 4.33 -7.86 -2.08
N PRO A 32 3.05 -7.97 -2.36
CA PRO A 32 2.00 -7.60 -1.39
C PRO A 32 1.87 -8.69 -0.31
N LYS A 33 2.24 -9.89 -0.63
CA LYS A 33 2.15 -10.99 0.37
C LYS A 33 3.18 -10.76 1.47
N LYS A 34 4.40 -10.50 1.11
CA LYS A 34 5.45 -10.26 2.14
C LYS A 34 5.18 -8.94 2.83
N ILE A 35 4.83 -7.92 2.08
CA ILE A 35 4.55 -6.61 2.73
C ILE A 35 3.31 -6.76 3.60
N LEU A 36 2.47 -7.70 3.28
CA LEU A 36 1.25 -7.91 4.12
C LEU A 36 1.70 -8.09 5.55
N ASP A 37 2.85 -8.69 5.76
CA ASP A 37 3.36 -8.88 7.13
C ASP A 37 3.91 -7.54 7.63
N LEU A 38 4.45 -6.76 6.73
CA LEU A 38 5.02 -5.44 7.11
C LEU A 38 3.92 -4.58 7.74
N MET A 39 2.72 -4.67 7.23
CA MET A 39 1.61 -3.84 7.79
C MET A 39 0.98 -4.55 8.99
N ASN A 40 0.69 -5.82 8.85
CA ASN A 40 0.07 -6.56 9.97
C ASN A 40 -1.15 -5.79 10.47
N VAL A 41 -1.73 -4.99 9.62
CA VAL A 41 -2.91 -4.18 10.03
C VAL A 41 -4.16 -5.07 10.01
N ASP A 42 -5.18 -4.69 10.74
CA ASP A 42 -6.42 -5.52 10.76
C ASP A 42 -7.36 -5.04 9.66
N LYS A 43 -8.11 -5.93 9.08
CA LYS A 43 -9.06 -5.53 8.00
C LYS A 43 -8.29 -5.28 6.69
N LEU A 44 -6.99 -5.41 6.72
CA LEU A 44 -6.21 -5.19 5.47
C LEU A 44 -5.96 -6.53 4.78
N THR A 45 -6.62 -6.78 3.69
CA THR A 45 -6.43 -8.07 2.97
C THR A 45 -5.28 -7.93 1.97
N ARG A 46 -4.92 -9.00 1.31
CA ARG A 46 -3.81 -8.92 0.31
C ARG A 46 -4.33 -8.31 -0.99
N GLU A 47 -5.60 -8.42 -1.25
CA GLU A 47 -6.14 -7.84 -2.51
C GLU A 47 -6.26 -6.32 -2.38
N ASN A 48 -6.33 -5.83 -1.16
CA ASN A 48 -6.45 -4.36 -0.97
C ASN A 48 -5.11 -3.69 -1.31
N VAL A 49 -4.03 -4.25 -0.85
CA VAL A 49 -2.69 -3.65 -1.15
C VAL A 49 -2.23 -4.10 -2.53
N ALA A 50 -2.68 -5.24 -2.98
CA ALA A 50 -2.26 -5.73 -4.32
C ALA A 50 -3.01 -4.96 -5.40
N SER A 51 -4.11 -4.35 -5.05
CA SER A 51 -4.89 -3.58 -6.06
C SER A 51 -4.22 -2.23 -6.30
N HIS A 52 -3.83 -1.56 -5.26
CA HIS A 52 -3.16 -0.23 -5.44
C HIS A 52 -1.86 -0.42 -6.20
N LEU A 53 -1.27 -1.59 -6.10
CA LEU A 53 0.01 -1.84 -6.82
C LEU A 53 -0.27 -2.19 -8.28
N GLN A 54 -1.47 -2.64 -8.56
CA GLN A 54 -1.81 -3.00 -9.97
C GLN A 54 -2.13 -1.73 -10.77
N LYS A 55 -2.63 -0.72 -10.11
CA LYS A 55 -2.97 0.55 -10.83
C LYS A 55 -1.70 1.40 -10.98
N PHE A 56 -0.74 1.22 -10.12
CA PHE A 56 0.51 2.02 -10.23
C PHE A 56 1.42 1.41 -11.30
N ARG A 57 1.63 0.12 -11.25
CA ARG A 57 2.49 -0.52 -12.28
C ARG A 57 1.91 -0.21 -13.65
N VAL A 58 0.62 -0.24 -13.78
CA VAL A 58 -0.02 0.08 -15.08
C VAL A 58 0.25 1.54 -15.39
N ALA A 59 0.35 2.35 -14.38
CA ALA A 59 0.63 3.80 -14.58
C ALA A 59 2.14 3.99 -14.75
N LEU A 60 2.90 2.97 -14.46
CA LEU A 60 4.38 3.08 -14.58
C LEU A 60 4.83 2.47 -15.92
N LYS A 61 3.91 2.06 -16.75
CA LYS A 61 4.29 1.47 -18.06
C LYS A 61 4.25 2.54 -19.14
N LYS A 62 3.67 3.68 -18.86
CA LYS A 62 3.60 4.76 -19.87
C LYS A 62 4.09 6.07 -19.27
N VAL A 63 3.86 6.29 -18.00
CA VAL A 63 4.31 7.55 -17.35
C VAL A 63 5.81 7.75 -17.62
N SER A 64 6.28 8.96 -17.57
CA SER A 64 7.73 9.21 -17.82
C SER A 64 8.52 8.87 -16.57
N THR A 1 -16.68 13.97 15.19
CA THR A 1 -15.45 13.80 16.01
C THR A 1 -15.63 12.63 16.98
N ALA A 2 -16.35 11.61 16.56
CA ALA A 2 -16.56 10.44 17.46
C ALA A 2 -15.54 9.35 17.12
N GLN A 3 -14.95 8.74 18.11
CA GLN A 3 -13.97 7.67 17.85
C GLN A 3 -12.73 8.27 17.17
N LYS A 4 -11.63 8.34 17.87
CA LYS A 4 -10.39 8.92 17.27
C LYS A 4 -9.95 8.04 16.09
N LYS A 5 -8.95 8.46 15.38
CA LYS A 5 -8.47 7.65 14.22
C LYS A 5 -9.63 7.43 13.25
N PRO A 6 -9.64 8.19 12.18
CA PRO A 6 -10.69 8.10 11.15
C PRO A 6 -10.45 6.88 10.26
N ARG A 7 -11.48 6.31 9.71
CA ARG A 7 -11.32 5.12 8.83
C ARG A 7 -10.13 5.34 7.90
N VAL A 8 -9.06 4.61 8.10
CA VAL A 8 -7.86 4.78 7.22
C VAL A 8 -7.91 3.73 6.10
N LEU A 9 -8.21 4.15 4.91
CA LEU A 9 -8.26 3.18 3.78
C LEU A 9 -7.05 3.39 2.87
N TRP A 10 -6.81 4.61 2.46
CA TRP A 10 -5.65 4.89 1.58
C TRP A 10 -5.37 6.39 1.56
N THR A 11 -4.81 6.91 2.62
CA THR A 11 -4.52 8.37 2.68
C THR A 11 -3.01 8.60 2.69
N HIS A 12 -2.60 9.84 2.64
CA HIS A 12 -1.13 10.13 2.65
C HIS A 12 -0.46 9.35 3.79
N GLU A 13 -1.19 9.12 4.85
CA GLU A 13 -0.60 8.37 6.00
C GLU A 13 -0.36 6.92 5.58
N LEU A 14 -1.36 6.29 5.03
CA LEU A 14 -1.20 4.87 4.59
C LEU A 14 -0.13 4.79 3.50
N HIS A 15 0.11 5.88 2.82
CA HIS A 15 1.14 5.86 1.73
C HIS A 15 2.53 5.78 2.36
N ASN A 16 2.69 6.25 3.57
CA ASN A 16 4.02 6.20 4.22
C ASN A 16 4.35 4.75 4.58
N LYS A 17 3.38 3.99 5.01
CA LYS A 17 3.64 2.57 5.36
C LYS A 17 3.88 1.76 4.09
N PHE A 18 3.03 1.91 3.11
CA PHE A 18 3.21 1.15 1.85
C PHE A 18 4.45 1.66 1.11
N LEU A 19 4.87 2.86 1.39
CA LEU A 19 6.07 3.39 0.68
C LEU A 19 7.35 2.88 1.35
N ALA A 20 7.37 2.82 2.66
CA ALA A 20 8.59 2.32 3.34
C ALA A 20 8.62 0.80 3.28
N ALA A 21 7.48 0.18 3.10
CA ALA A 21 7.45 -1.30 3.01
C ALA A 21 7.90 -1.72 1.61
N VAL A 22 7.46 -1.02 0.60
CA VAL A 22 7.87 -1.38 -0.78
C VAL A 22 9.34 -1.02 -0.96
N ASP A 23 9.70 0.15 -0.51
CA ASP A 23 11.11 0.59 -0.63
C ASP A 23 12.00 -0.38 0.14
N HIS A 24 11.58 -0.77 1.32
CA HIS A 24 12.40 -1.72 2.12
C HIS A 24 12.59 -3.02 1.34
N LEU A 25 11.72 -3.31 0.41
CA LEU A 25 11.86 -4.57 -0.37
C LEU A 25 12.20 -4.24 -1.83
N GLY A 26 12.30 -2.98 -2.16
CA GLY A 26 12.61 -2.62 -3.57
C GLY A 26 11.33 -2.76 -4.39
N VAL A 27 10.74 -1.66 -4.77
CA VAL A 27 9.47 -1.72 -5.56
C VAL A 27 9.66 -2.64 -6.77
N GLU A 28 10.87 -2.89 -7.15
CA GLU A 28 11.10 -3.77 -8.34
C GLU A 28 10.80 -5.22 -7.98
N ARG A 29 11.20 -5.67 -6.82
CA ARG A 29 10.94 -7.09 -6.43
C ARG A 29 10.03 -7.12 -5.19
N ALA A 30 9.40 -6.02 -4.86
CA ALA A 30 8.51 -6.00 -3.67
C ALA A 30 7.09 -6.39 -4.07
N VAL A 31 6.47 -7.27 -3.33
CA VAL A 31 5.09 -7.70 -3.66
C VAL A 31 4.15 -7.26 -2.55
N PRO A 32 2.88 -7.20 -2.85
CA PRO A 32 1.85 -6.79 -1.89
C PRO A 32 1.56 -7.94 -0.92
N LYS A 33 1.95 -9.13 -1.26
CA LYS A 33 1.69 -10.29 -0.36
C LYS A 33 2.61 -10.19 0.86
N LYS A 34 3.89 -10.08 0.64
CA LYS A 34 4.83 -9.98 1.79
C LYS A 34 4.62 -8.62 2.46
N ILE A 35 4.38 -7.60 1.70
CA ILE A 35 4.16 -6.26 2.33
C ILE A 35 2.90 -6.34 3.17
N LEU A 36 1.99 -7.23 2.86
CA LEU A 36 0.76 -7.35 3.67
C LEU A 36 1.18 -7.48 5.13
N ASP A 37 2.26 -8.16 5.38
CA ASP A 37 2.74 -8.30 6.78
C ASP A 37 3.33 -6.97 7.22
N LEU A 38 3.97 -6.27 6.32
CA LEU A 38 4.57 -4.95 6.66
C LEU A 38 3.48 -4.03 7.20
N MET A 39 2.29 -4.12 6.67
CA MET A 39 1.19 -3.25 7.15
C MET A 39 0.62 -3.80 8.46
N ASN A 40 0.29 -5.06 8.48
CA ASN A 40 -0.27 -5.66 9.73
C ASN A 40 -1.52 -4.89 10.15
N VAL A 41 -2.19 -4.26 9.23
CA VAL A 41 -3.42 -3.50 9.57
C VAL A 41 -4.61 -4.46 9.67
N ASP A 42 -5.53 -4.20 10.54
CA ASP A 42 -6.71 -5.10 10.67
C ASP A 42 -7.73 -4.80 9.57
N LYS A 43 -8.42 -5.79 9.09
CA LYS A 43 -9.43 -5.57 8.01
C LYS A 43 -8.72 -5.36 6.67
N LEU A 44 -7.41 -5.44 6.66
CA LEU A 44 -6.67 -5.25 5.38
C LEU A 44 -6.21 -6.61 4.84
N THR A 45 -6.34 -6.84 3.57
CA THR A 45 -5.91 -8.14 2.99
C THR A 45 -4.80 -7.90 1.97
N ARG A 46 -4.23 -8.94 1.45
CA ARG A 46 -3.14 -8.78 0.44
C ARG A 46 -3.75 -8.43 -0.91
N GLU A 47 -5.01 -8.72 -1.10
CA GLU A 47 -5.67 -8.40 -2.40
C GLU A 47 -5.93 -6.90 -2.49
N ASN A 48 -6.41 -6.31 -1.42
CA ASN A 48 -6.69 -4.85 -1.45
C ASN A 48 -5.39 -4.09 -1.71
N VAL A 49 -4.29 -4.55 -1.17
CA VAL A 49 -3.00 -3.85 -1.40
C VAL A 49 -2.40 -4.29 -2.73
N ALA A 50 -2.77 -5.46 -3.19
CA ALA A 50 -2.23 -5.95 -4.48
C ALA A 50 -2.95 -5.24 -5.64
N SER A 51 -4.10 -4.70 -5.38
CA SER A 51 -4.85 -3.99 -6.46
C SER A 51 -4.24 -2.61 -6.66
N HIS A 52 -3.98 -1.90 -5.60
CA HIS A 52 -3.39 -0.54 -5.74
C HIS A 52 -2.02 -0.65 -6.41
N LEU A 53 -1.36 -1.77 -6.26
CA LEU A 53 -0.02 -1.93 -6.89
C LEU A 53 -0.18 -2.16 -8.39
N GLN A 54 -1.27 -2.74 -8.79
CA GLN A 54 -1.49 -3.00 -10.25
C GLN A 54 -1.91 -1.70 -10.94
N LYS A 55 -2.51 -0.79 -10.22
CA LYS A 55 -2.94 0.49 -10.83
C LYS A 55 -1.74 1.42 -10.95
N PHE A 56 -0.87 1.42 -9.97
CA PHE A 56 0.32 2.32 -10.03
C PHE A 56 1.22 1.88 -11.19
N ARG A 57 1.43 0.61 -11.34
CA ARG A 57 2.29 0.14 -12.48
C ARG A 57 1.68 0.63 -13.78
N VAL A 58 0.38 0.58 -13.89
CA VAL A 58 -0.28 1.05 -15.13
C VAL A 58 -0.06 2.56 -15.24
N ALA A 59 0.05 3.22 -14.11
CA ALA A 59 0.29 4.69 -14.11
C ALA A 59 1.79 4.94 -14.26
N LEU A 60 2.58 3.92 -14.12
CA LEU A 60 4.05 4.08 -14.23
C LEU A 60 4.49 3.85 -15.69
N LYS A 61 3.56 3.65 -16.57
CA LYS A 61 3.93 3.43 -17.99
C LYS A 61 3.81 4.74 -18.78
N LYS A 62 3.00 5.65 -18.29
CA LYS A 62 2.83 6.95 -19.01
C LYS A 62 2.61 8.07 -17.98
N VAL A 63 3.62 8.39 -17.22
CA VAL A 63 3.48 9.48 -16.21
C VAL A 63 3.80 10.82 -16.86
N SER A 64 3.19 11.88 -16.39
CA SER A 64 3.47 13.22 -16.97
C SER A 64 3.17 13.20 -18.47
N THR A 1 -19.17 17.07 17.26
CA THR A 1 -19.04 16.39 15.93
C THR A 1 -18.52 14.97 16.14
N ALA A 2 -18.47 14.19 15.09
CA ALA A 2 -17.97 12.79 15.22
C ALA A 2 -16.48 12.81 15.54
N GLN A 3 -16.09 12.26 16.67
CA GLN A 3 -14.65 12.24 17.03
C GLN A 3 -14.23 10.82 17.43
N LYS A 4 -14.07 9.95 16.47
CA LYS A 4 -13.67 8.56 16.79
C LYS A 4 -12.64 8.06 15.77
N LYS A 5 -11.42 8.53 15.88
CA LYS A 5 -10.37 8.09 14.92
C LYS A 5 -10.76 8.52 13.50
N PRO A 6 -9.83 9.10 12.79
CA PRO A 6 -10.05 9.56 11.42
C PRO A 6 -9.98 8.38 10.44
N ARG A 7 -10.96 8.25 9.58
CA ARG A 7 -10.96 7.12 8.61
C ARG A 7 -9.55 6.96 8.01
N VAL A 8 -9.05 5.75 7.99
CA VAL A 8 -7.69 5.53 7.41
C VAL A 8 -7.76 4.39 6.41
N LEU A 9 -8.15 4.66 5.20
CA LEU A 9 -8.22 3.59 4.16
C LEU A 9 -7.10 3.82 3.15
N TRP A 10 -6.70 5.04 2.99
CA TRP A 10 -5.60 5.36 2.03
C TRP A 10 -5.24 6.84 2.16
N THR A 11 -4.68 7.22 3.28
CA THR A 11 -4.31 8.65 3.49
C THR A 11 -2.79 8.80 3.54
N HIS A 12 -2.32 10.01 3.64
CA HIS A 12 -0.84 10.23 3.69
C HIS A 12 -0.23 9.33 4.77
N GLU A 13 -0.97 9.00 5.79
CA GLU A 13 -0.43 8.13 6.87
C GLU A 13 -0.28 6.70 6.34
N LEU A 14 -1.34 6.13 5.83
CA LEU A 14 -1.25 4.74 5.30
C LEU A 14 -0.27 4.69 4.12
N HIS A 15 0.01 5.81 3.52
CA HIS A 15 0.96 5.81 2.36
C HIS A 15 2.40 5.78 2.87
N ASN A 16 2.63 6.25 4.07
CA ASN A 16 4.01 6.25 4.62
C ASN A 16 4.41 4.82 4.98
N LYS A 17 3.48 4.03 5.43
CA LYS A 17 3.81 2.64 5.81
C LYS A 17 3.91 1.78 4.54
N PHE A 18 3.02 2.00 3.61
CA PHE A 18 3.07 1.20 2.35
C PHE A 18 4.24 1.69 1.48
N LEU A 19 4.69 2.90 1.69
CA LEU A 19 5.81 3.43 0.86
C LEU A 19 7.15 2.93 1.44
N ALA A 20 7.25 2.86 2.74
CA ALA A 20 8.53 2.39 3.34
C ALA A 20 8.61 0.87 3.22
N ALA A 21 7.49 0.21 3.13
CA ALA A 21 7.51 -1.27 3.01
C ALA A 21 7.91 -1.64 1.59
N VAL A 22 7.43 -0.92 0.61
CA VAL A 22 7.80 -1.23 -0.80
C VAL A 22 9.27 -0.91 -1.01
N ASP A 23 9.68 0.24 -0.56
CA ASP A 23 11.11 0.62 -0.73
C ASP A 23 11.99 -0.38 -0.01
N HIS A 24 11.58 -0.81 1.16
CA HIS A 24 12.38 -1.81 1.92
C HIS A 24 12.61 -3.05 1.07
N LEU A 25 11.73 -3.31 0.13
CA LEU A 25 11.90 -4.52 -0.73
C LEU A 25 12.28 -4.09 -2.15
N GLY A 26 12.28 -2.83 -2.43
CA GLY A 26 12.63 -2.38 -3.81
C GLY A 26 11.37 -2.41 -4.67
N VAL A 27 10.86 -1.26 -5.04
CA VAL A 27 9.63 -1.22 -5.87
C VAL A 27 9.80 -2.11 -7.11
N GLU A 28 11.01 -2.41 -7.46
CA GLU A 28 11.26 -3.26 -8.66
C GLU A 28 10.86 -4.71 -8.37
N ARG A 29 11.28 -5.24 -7.26
CA ARG A 29 10.93 -6.66 -6.93
C ARG A 29 9.96 -6.69 -5.75
N ALA A 30 9.38 -5.57 -5.41
CA ALA A 30 8.43 -5.55 -4.26
C ALA A 30 7.06 -6.08 -4.69
N VAL A 31 6.48 -6.93 -3.90
CA VAL A 31 5.14 -7.47 -4.26
C VAL A 31 4.15 -7.12 -3.14
N PRO A 32 2.88 -7.18 -3.47
CA PRO A 32 1.80 -6.88 -2.51
C PRO A 32 1.62 -8.04 -1.53
N LYS A 33 2.00 -9.23 -1.93
CA LYS A 33 1.85 -10.39 -1.02
C LYS A 33 2.84 -10.25 0.14
N LYS A 34 4.10 -10.06 -0.16
CA LYS A 34 5.10 -9.91 0.93
C LYS A 34 4.85 -8.60 1.66
N ILE A 35 4.52 -7.55 0.95
CA ILE A 35 4.25 -6.27 1.64
C ILE A 35 3.02 -6.44 2.52
N LEU A 36 2.14 -7.34 2.17
CA LEU A 36 0.93 -7.54 3.01
C LEU A 36 1.39 -7.77 4.45
N ASP A 37 2.50 -8.44 4.63
CA ASP A 37 3.01 -8.67 5.99
C ASP A 37 3.60 -7.36 6.51
N LEU A 38 4.19 -6.58 5.64
CA LEU A 38 4.78 -5.28 6.05
C LEU A 38 3.69 -4.41 6.67
N MET A 39 2.49 -4.50 6.18
CA MET A 39 1.39 -3.68 6.74
C MET A 39 0.85 -4.33 8.02
N ASN A 40 0.52 -5.59 7.96
CA ASN A 40 -0.01 -6.28 9.17
C ASN A 40 -1.14 -5.45 9.75
N VAL A 41 -1.77 -4.65 8.94
CA VAL A 41 -2.89 -3.80 9.43
C VAL A 41 -4.17 -4.63 9.49
N ASP A 42 -5.11 -4.23 10.30
CA ASP A 42 -6.38 -5.00 10.40
C ASP A 42 -7.37 -4.49 9.35
N LYS A 43 -8.18 -5.36 8.82
CA LYS A 43 -9.17 -4.93 7.79
C LYS A 43 -8.46 -4.73 6.45
N LEU A 44 -7.17 -4.98 6.41
CA LEU A 44 -6.43 -4.80 5.12
C LEU A 44 -6.11 -6.17 4.52
N THR A 45 -6.62 -6.44 3.35
CA THR A 45 -6.35 -7.75 2.71
C THR A 45 -5.28 -7.58 1.64
N ARG A 46 -4.74 -8.66 1.14
CA ARG A 46 -3.68 -8.55 0.09
C ARG A 46 -4.33 -8.21 -1.26
N GLU A 47 -5.60 -8.48 -1.40
CA GLU A 47 -6.28 -8.17 -2.68
C GLU A 47 -6.60 -6.68 -2.74
N ASN A 48 -6.81 -6.05 -1.62
CA ASN A 48 -7.12 -4.60 -1.62
C ASN A 48 -5.89 -3.81 -2.05
N VAL A 49 -4.74 -4.18 -1.57
CA VAL A 49 -3.50 -3.46 -1.96
C VAL A 49 -3.00 -3.99 -3.30
N ALA A 50 -3.33 -5.21 -3.62
CA ALA A 50 -2.88 -5.80 -4.91
C ALA A 50 -3.61 -5.12 -6.07
N SER A 51 -4.73 -4.51 -5.80
CA SER A 51 -5.49 -3.82 -6.89
C SER A 51 -4.86 -2.46 -7.16
N HIS A 52 -4.50 -1.74 -6.13
CA HIS A 52 -3.89 -0.39 -6.34
C HIS A 52 -2.45 -0.55 -6.80
N LEU A 53 -1.81 -1.63 -6.44
CA LEU A 53 -0.40 -1.84 -6.86
C LEU A 53 -0.38 -2.39 -8.29
N GLN A 54 -1.45 -3.00 -8.72
CA GLN A 54 -1.49 -3.56 -10.10
C GLN A 54 -1.76 -2.43 -11.10
N LYS A 55 -2.61 -1.50 -10.73
CA LYS A 55 -2.91 -0.38 -11.67
C LYS A 55 -1.76 0.62 -11.66
N PHE A 56 -1.02 0.69 -10.59
CA PHE A 56 0.13 1.63 -10.53
C PHE A 56 1.30 1.06 -11.32
N ARG A 57 1.62 -0.19 -11.12
CA ARG A 57 2.76 -0.79 -11.89
C ARG A 57 2.44 -0.65 -13.38
N VAL A 58 1.22 -0.89 -13.77
CA VAL A 58 0.86 -0.75 -15.20
C VAL A 58 1.00 0.72 -15.58
N ALA A 59 0.64 1.60 -14.68
CA ALA A 59 0.77 3.05 -14.96
C ALA A 59 2.25 3.45 -14.87
N LEU A 60 3.06 2.57 -14.35
CA LEU A 60 4.52 2.87 -14.22
C LEU A 60 5.28 2.22 -15.38
N LYS A 61 4.65 1.31 -16.07
CA LYS A 61 5.34 0.65 -17.21
C LYS A 61 5.24 1.53 -18.46
N LYS A 62 4.19 2.31 -18.56
CA LYS A 62 4.03 3.18 -19.75
C LYS A 62 4.98 4.37 -19.63
N VAL A 63 4.84 5.17 -18.61
CA VAL A 63 5.74 6.35 -18.45
C VAL A 63 7.20 5.90 -18.60
N SER A 64 7.94 6.54 -19.45
CA SER A 64 9.36 6.15 -19.65
C SER A 64 9.43 4.73 -20.23
N THR A 1 -0.44 20.96 17.38
CA THR A 1 -1.34 21.51 16.32
C THR A 1 -2.68 20.78 16.37
N ALA A 2 -2.73 19.56 15.92
CA ALA A 2 -4.00 18.81 15.94
C ALA A 2 -3.89 17.57 15.06
N GLN A 3 -3.88 16.41 15.64
CA GLN A 3 -3.76 15.16 14.83
C GLN A 3 -5.08 14.40 14.88
N LYS A 4 -5.65 14.10 13.74
CA LYS A 4 -6.94 13.36 13.72
C LYS A 4 -7.03 12.49 12.45
N LYS A 5 -7.48 11.28 12.58
CA LYS A 5 -7.59 10.40 11.40
C LYS A 5 -8.92 9.64 11.44
N PRO A 6 -9.88 10.14 10.68
CA PRO A 6 -11.21 9.53 10.61
C PRO A 6 -11.20 8.27 9.75
N ARG A 7 -11.45 7.14 10.34
CA ARG A 7 -11.46 5.87 9.55
C ARG A 7 -10.23 5.83 8.64
N VAL A 8 -9.15 5.28 9.11
CA VAL A 8 -7.92 5.21 8.27
C VAL A 8 -7.95 3.92 7.44
N LEU A 9 -8.56 3.97 6.28
CA LEU A 9 -8.63 2.77 5.41
C LEU A 9 -7.70 2.97 4.21
N TRP A 10 -7.44 4.19 3.85
CA TRP A 10 -6.56 4.47 2.69
C TRP A 10 -6.26 5.97 2.64
N THR A 11 -5.61 6.50 3.65
CA THR A 11 -5.30 7.95 3.66
C THR A 11 -3.79 8.16 3.55
N HIS A 12 -3.35 9.38 3.46
CA HIS A 12 -1.89 9.66 3.35
C HIS A 12 -1.14 8.86 4.43
N GLU A 13 -1.78 8.59 5.53
CA GLU A 13 -1.09 7.82 6.60
C GLU A 13 -0.93 6.36 6.16
N LEU A 14 -2.01 5.73 5.76
CA LEU A 14 -1.92 4.32 5.31
C LEU A 14 -1.02 4.21 4.07
N HIS A 15 -0.82 5.30 3.38
CA HIS A 15 0.04 5.26 2.16
C HIS A 15 1.52 5.25 2.55
N ASN A 16 1.82 5.73 3.73
CA ASN A 16 3.25 5.77 4.17
C ASN A 16 3.70 4.38 4.60
N LYS A 17 2.79 3.59 5.13
CA LYS A 17 3.17 2.22 5.58
C LYS A 17 3.30 1.31 4.36
N PHE A 18 2.39 1.40 3.43
CA PHE A 18 2.45 0.54 2.22
C PHE A 18 3.57 1.02 1.31
N LEU A 19 3.93 2.28 1.39
CA LEU A 19 5.01 2.80 0.51
C LEU A 19 6.37 2.47 1.13
N ALA A 20 6.46 2.47 2.43
CA ALA A 20 7.77 2.15 3.07
C ALA A 20 7.99 0.63 3.06
N ALA A 21 6.94 -0.13 2.96
CA ALA A 21 7.09 -1.60 2.93
C ALA A 21 7.54 -2.01 1.52
N VAL A 22 6.97 -1.41 0.52
CA VAL A 22 7.37 -1.75 -0.88
C VAL A 22 8.80 -1.32 -1.09
N ASP A 23 9.13 -0.12 -0.72
CA ASP A 23 10.51 0.38 -0.89
C ASP A 23 11.47 -0.48 -0.08
N HIS A 24 11.11 -0.78 1.13
CA HIS A 24 12.00 -1.61 2.00
C HIS A 24 12.19 -2.99 1.36
N LEU A 25 11.28 -3.40 0.52
CA LEU A 25 11.42 -4.74 -0.12
C LEU A 25 11.78 -4.57 -1.60
N GLY A 26 11.84 -3.36 -2.08
CA GLY A 26 12.17 -3.15 -3.51
C GLY A 26 10.89 -3.23 -4.34
N VAL A 27 10.43 -2.13 -4.85
CA VAL A 27 9.17 -2.14 -5.65
C VAL A 27 9.31 -3.15 -6.79
N GLU A 28 10.50 -3.53 -7.13
CA GLU A 28 10.70 -4.51 -8.23
C GLU A 28 10.10 -5.86 -7.83
N ARG A 29 10.39 -6.33 -6.65
CA ARG A 29 9.85 -7.64 -6.21
C ARG A 29 8.92 -7.45 -5.02
N ALA A 30 8.52 -6.24 -4.73
CA ALA A 30 7.62 -6.00 -3.57
C ALA A 30 6.20 -6.41 -3.93
N VAL A 31 5.80 -7.59 -3.56
CA VAL A 31 4.42 -8.05 -3.87
C VAL A 31 3.49 -7.65 -2.71
N PRO A 32 2.22 -7.61 -2.98
CA PRO A 32 1.20 -7.25 -1.99
C PRO A 32 0.97 -8.42 -1.03
N LYS A 33 1.29 -9.62 -1.46
CA LYS A 33 1.10 -10.79 -0.59
C LYS A 33 2.08 -10.73 0.58
N LYS A 34 3.34 -10.53 0.30
CA LYS A 34 4.33 -10.45 1.40
C LYS A 34 4.10 -9.17 2.17
N ILE A 35 3.90 -8.07 1.49
CA ILE A 35 3.66 -6.80 2.21
C ILE A 35 2.37 -6.93 3.02
N LEU A 36 1.50 -7.82 2.62
CA LEU A 36 0.24 -8.00 3.41
C LEU A 36 0.63 -8.24 4.86
N ASP A 37 1.67 -8.98 5.09
CA ASP A 37 2.11 -9.21 6.49
C ASP A 37 2.74 -7.92 7.01
N LEU A 38 3.42 -7.21 6.17
CA LEU A 38 4.05 -5.93 6.59
C LEU A 38 2.97 -4.99 7.14
N MET A 39 1.77 -5.12 6.65
CA MET A 39 0.68 -4.24 7.13
C MET A 39 0.09 -4.81 8.43
N ASN A 40 -0.24 -6.08 8.44
CA ASN A 40 -0.80 -6.69 9.67
C ASN A 40 -2.01 -5.88 10.12
N VAL A 41 -2.64 -5.18 9.22
CA VAL A 41 -3.83 -4.37 9.59
C VAL A 41 -5.08 -5.24 9.58
N ASP A 42 -6.00 -5.00 10.46
CA ASP A 42 -7.24 -5.82 10.49
C ASP A 42 -8.22 -5.32 9.44
N LYS A 43 -9.00 -6.19 8.87
CA LYS A 43 -9.97 -5.75 7.82
C LYS A 43 -9.24 -5.54 6.49
N LEU A 44 -7.95 -5.68 6.49
CA LEU A 44 -7.18 -5.49 5.22
C LEU A 44 -6.89 -6.85 4.59
N THR A 45 -7.53 -7.16 3.50
CA THR A 45 -7.28 -8.47 2.83
C THR A 45 -6.13 -8.33 1.84
N ARG A 46 -5.64 -9.43 1.32
CA ARG A 46 -4.52 -9.36 0.34
C ARG A 46 -5.05 -8.89 -1.01
N GLU A 47 -6.31 -9.09 -1.27
CA GLU A 47 -6.88 -8.66 -2.58
C GLU A 47 -7.03 -7.14 -2.59
N ASN A 48 -7.30 -6.54 -1.46
CA ASN A 48 -7.45 -5.07 -1.42
C ASN A 48 -6.10 -4.40 -1.69
N VAL A 49 -5.03 -4.99 -1.24
CA VAL A 49 -3.69 -4.39 -1.48
C VAL A 49 -3.21 -4.81 -2.87
N ALA A 50 -3.67 -5.93 -3.35
CA ALA A 50 -3.24 -6.38 -4.70
C ALA A 50 -3.99 -5.58 -5.77
N SER A 51 -5.13 -5.05 -5.43
CA SER A 51 -5.91 -4.27 -6.43
C SER A 51 -5.28 -2.88 -6.59
N HIS A 52 -4.91 -2.26 -5.51
CA HIS A 52 -4.28 -0.91 -5.59
C HIS A 52 -2.96 -1.02 -6.36
N LEU A 53 -2.30 -2.15 -6.25
CA LEU A 53 -1.02 -2.34 -6.97
C LEU A 53 -1.29 -2.54 -8.46
N GLN A 54 -2.47 -3.01 -8.79
CA GLN A 54 -2.79 -3.24 -10.23
C GLN A 54 -2.90 -1.89 -10.95
N LYS A 55 -3.35 -0.88 -10.28
CA LYS A 55 -3.47 0.46 -10.92
C LYS A 55 -2.09 1.10 -11.04
N PHE A 56 -1.19 0.79 -10.14
CA PHE A 56 0.17 1.38 -10.21
C PHE A 56 0.95 0.72 -11.34
N ARG A 57 0.84 -0.58 -11.48
CA ARG A 57 1.57 -1.26 -12.58
C ARG A 57 1.02 -0.74 -13.91
N VAL A 58 -0.28 -0.67 -14.04
CA VAL A 58 -0.87 -0.16 -15.30
C VAL A 58 -0.47 1.31 -15.45
N ALA A 59 -0.30 2.00 -14.35
CA ALA A 59 0.10 3.43 -14.41
C ALA A 59 1.62 3.49 -14.57
N LEU A 60 2.29 2.39 -14.38
CA LEU A 60 3.77 2.36 -14.51
C LEU A 60 4.15 1.98 -15.94
N LYS A 61 3.18 1.83 -16.80
CA LYS A 61 3.49 1.45 -18.21
C LYS A 61 3.89 2.70 -18.99
N LYS A 62 3.70 3.87 -18.43
CA LYS A 62 4.08 5.10 -19.16
C LYS A 62 4.75 6.08 -18.19
N VAL A 63 4.18 6.30 -17.05
CA VAL A 63 4.79 7.25 -16.07
C VAL A 63 6.08 6.64 -15.51
N SER A 64 6.85 7.41 -14.79
CA SER A 64 8.12 6.88 -14.23
C SER A 64 7.84 6.22 -12.88
N THR A 1 -12.61 19.13 11.53
CA THR A 1 -13.10 18.50 12.78
C THR A 1 -12.13 17.40 13.21
N ALA A 2 -12.41 16.73 14.29
CA ALA A 2 -11.49 15.65 14.75
C ALA A 2 -12.25 14.31 14.76
N GLN A 3 -12.53 13.78 13.62
CA GLN A 3 -13.26 12.47 13.56
C GLN A 3 -12.27 11.32 13.69
N LYS A 4 -12.73 10.16 14.05
CA LYS A 4 -11.81 9.00 14.20
C LYS A 4 -11.00 8.83 12.92
N LYS A 5 -10.24 7.77 12.82
CA LYS A 5 -9.43 7.55 11.58
C LYS A 5 -10.35 7.06 10.45
N PRO A 6 -10.39 7.80 9.38
CA PRO A 6 -11.23 7.45 8.22
C PRO A 6 -10.57 6.33 7.40
N ARG A 7 -11.37 5.57 6.68
CA ARG A 7 -10.78 4.47 5.87
C ARG A 7 -9.53 4.97 5.15
N VAL A 8 -8.37 4.75 5.72
CA VAL A 8 -7.12 5.22 5.07
C VAL A 8 -6.68 4.21 4.02
N LEU A 9 -6.64 4.62 2.78
CA LEU A 9 -6.19 3.69 1.71
C LEU A 9 -4.69 3.88 1.49
N TRP A 10 -4.29 5.08 1.11
CA TRP A 10 -2.84 5.35 0.90
C TRP A 10 -2.59 6.84 1.21
N THR A 11 -2.54 7.20 2.47
CA THR A 11 -2.32 8.63 2.82
C THR A 11 -0.97 8.81 3.51
N HIS A 12 -0.61 10.02 3.81
CA HIS A 12 0.70 10.27 4.49
C HIS A 12 0.76 9.43 5.76
N GLU A 13 -0.37 9.02 6.27
CA GLU A 13 -0.38 8.19 7.51
C GLU A 13 -0.13 6.73 7.16
N LEU A 14 -0.97 6.16 6.33
CA LEU A 14 -0.80 4.73 5.96
C LEU A 14 0.25 4.61 4.83
N HIS A 15 0.04 5.29 3.75
CA HIS A 15 1.00 5.21 2.61
C HIS A 15 2.43 5.32 3.14
N ASN A 16 2.60 5.94 4.27
CA ASN A 16 3.98 6.08 4.83
C ASN A 16 4.50 4.71 5.26
N LYS A 17 3.72 3.98 6.00
CA LYS A 17 4.18 2.62 6.44
C LYS A 17 4.27 1.69 5.24
N PHE A 18 3.39 1.85 4.29
CA PHE A 18 3.43 0.98 3.08
C PHE A 18 4.66 1.32 2.23
N LEU A 19 5.13 2.54 2.33
CA LEU A 19 6.32 2.93 1.52
C LEU A 19 7.59 2.36 2.18
N ALA A 20 7.70 2.47 3.47
CA ALA A 20 8.91 1.92 4.15
C ALA A 20 8.84 0.40 4.15
N ALA A 21 7.65 -0.15 4.06
CA ALA A 21 7.51 -1.62 4.04
C ALA A 21 7.96 -2.16 2.67
N VAL A 22 7.61 -1.48 1.62
CA VAL A 22 8.02 -1.93 0.26
C VAL A 22 9.53 -1.75 0.11
N ASP A 23 10.01 -0.60 0.50
CA ASP A 23 11.47 -0.33 0.40
C ASP A 23 12.23 -1.37 1.23
N HIS A 24 11.71 -1.69 2.38
CA HIS A 24 12.39 -2.70 3.25
C HIS A 24 12.62 -3.98 2.45
N LEU A 25 11.79 -4.24 1.49
CA LEU A 25 11.95 -5.48 0.67
C LEU A 25 12.49 -5.13 -0.72
N GLY A 26 12.56 -3.87 -1.05
CA GLY A 26 13.06 -3.49 -2.39
C GLY A 26 11.87 -3.32 -3.33
N VAL A 27 11.60 -2.10 -3.74
CA VAL A 27 10.44 -1.86 -4.65
C VAL A 27 10.57 -2.75 -5.90
N GLU A 28 11.73 -3.24 -6.17
CA GLU A 28 11.91 -4.10 -7.39
C GLU A 28 11.33 -5.50 -7.15
N ARG A 29 11.58 -6.08 -6.01
CA ARG A 29 11.06 -7.46 -5.74
C ARG A 29 10.06 -7.43 -4.57
N ALA A 30 9.60 -6.28 -4.20
CA ALA A 30 8.64 -6.20 -3.05
C ALA A 30 7.31 -6.81 -3.45
N VAL A 31 6.84 -7.78 -2.70
CA VAL A 31 5.54 -8.42 -3.02
C VAL A 31 4.49 -7.95 -2.01
N PRO A 32 3.24 -8.09 -2.38
CA PRO A 32 2.12 -7.68 -1.52
C PRO A 32 1.91 -8.71 -0.40
N LYS A 33 2.35 -9.92 -0.62
CA LYS A 33 2.19 -10.97 0.43
C LYS A 33 3.11 -10.66 1.61
N LYS A 34 4.37 -10.44 1.35
CA LYS A 34 5.31 -10.13 2.46
C LYS A 34 4.95 -8.77 3.05
N ILE A 35 4.59 -7.82 2.23
CA ILE A 35 4.24 -6.49 2.78
C ILE A 35 2.95 -6.62 3.60
N LEU A 36 2.15 -7.60 3.30
CA LEU A 36 0.91 -7.78 4.09
C LEU A 36 1.30 -7.86 5.56
N ASP A 37 2.38 -8.51 5.86
CA ASP A 37 2.84 -8.59 7.27
C ASP A 37 3.41 -7.23 7.66
N LEU A 38 4.07 -6.59 6.74
CA LEU A 38 4.66 -5.26 7.02
C LEU A 38 3.55 -4.30 7.48
N MET A 39 2.34 -4.52 7.04
CA MET A 39 1.22 -3.63 7.46
C MET A 39 0.71 -4.07 8.83
N ASN A 40 0.53 -5.35 9.02
CA ASN A 40 0.03 -5.84 10.34
C ASN A 40 -1.23 -5.06 10.70
N VAL A 41 -1.90 -4.52 9.73
CA VAL A 41 -3.15 -3.76 10.00
C VAL A 41 -4.34 -4.71 10.04
N ASP A 42 -5.39 -4.33 10.72
CA ASP A 42 -6.59 -5.21 10.79
C ASP A 42 -7.54 -4.89 9.63
N LYS A 43 -8.14 -5.88 9.05
CA LYS A 43 -9.09 -5.63 7.92
C LYS A 43 -8.32 -5.41 6.62
N LEU A 44 -7.02 -5.29 6.69
CA LEU A 44 -6.23 -5.07 5.45
C LEU A 44 -5.95 -6.42 4.79
N THR A 45 -6.30 -6.58 3.55
CA THR A 45 -6.06 -7.88 2.86
C THR A 45 -4.95 -7.71 1.82
N ARG A 46 -4.32 -8.77 1.43
CA ARG A 46 -3.23 -8.67 0.42
C ARG A 46 -3.84 -8.53 -0.98
N GLU A 47 -5.09 -8.86 -1.12
CA GLU A 47 -5.74 -8.75 -2.46
C GLU A 47 -6.01 -7.28 -2.77
N ASN A 48 -6.10 -6.45 -1.76
CA ASN A 48 -6.36 -5.00 -2.00
C ASN A 48 -5.06 -4.31 -2.39
N VAL A 49 -3.96 -4.68 -1.80
CA VAL A 49 -2.67 -4.03 -2.15
C VAL A 49 -2.09 -4.68 -3.40
N ALA A 50 -2.45 -5.90 -3.67
CA ALA A 50 -1.92 -6.59 -4.88
C ALA A 50 -2.62 -6.06 -6.13
N SER A 51 -3.90 -5.81 -6.05
CA SER A 51 -4.64 -5.28 -7.23
C SER A 51 -4.24 -3.83 -7.48
N HIS A 52 -4.05 -3.06 -6.44
CA HIS A 52 -3.66 -1.64 -6.62
C HIS A 52 -2.22 -1.58 -7.14
N LEU A 53 -1.44 -2.58 -6.84
CA LEU A 53 -0.03 -2.59 -7.32
C LEU A 53 0.01 -2.83 -8.83
N GLN A 54 -0.71 -3.82 -9.29
CA GLN A 54 -0.71 -4.11 -10.75
C GLN A 54 -1.50 -3.03 -11.49
N LYS A 55 -2.44 -2.43 -10.83
CA LYS A 55 -3.26 -1.36 -11.49
C LYS A 55 -2.51 -0.03 -11.44
N PHE A 56 -1.62 0.12 -10.49
CA PHE A 56 -0.87 1.39 -10.40
C PHE A 56 0.16 1.48 -11.54
N ARG A 57 0.82 0.39 -11.84
CA ARG A 57 1.82 0.43 -12.94
C ARG A 57 1.06 0.75 -14.24
N VAL A 58 -0.07 0.14 -14.45
CA VAL A 58 -0.85 0.43 -15.68
C VAL A 58 -1.31 1.88 -15.62
N ALA A 59 -1.59 2.35 -14.44
CA ALA A 59 -2.03 3.77 -14.27
C ALA A 59 -0.80 4.67 -14.29
N LEU A 60 0.37 4.08 -14.20
CA LEU A 60 1.63 4.88 -14.21
C LEU A 60 1.97 5.27 -15.66
N LYS A 61 1.11 4.96 -16.59
CA LYS A 61 1.39 5.32 -18.01
C LYS A 61 0.76 6.68 -18.32
N LYS A 62 -0.30 7.03 -17.64
CA LYS A 62 -0.96 8.34 -17.90
C LYS A 62 -0.87 9.22 -16.65
N VAL A 63 0.33 9.51 -16.21
CA VAL A 63 0.48 10.36 -14.99
C VAL A 63 1.30 11.60 -15.34
N SER A 64 0.70 12.55 -16.02
CA SER A 64 1.45 13.78 -16.39
C SER A 64 1.55 14.71 -15.17
N THR A 1 -7.88 18.10 21.76
CA THR A 1 -8.03 16.88 20.92
C THR A 1 -9.41 16.91 20.23
N ALA A 2 -9.43 16.84 18.93
CA ALA A 2 -10.73 16.86 18.20
C ALA A 2 -10.73 15.79 17.12
N GLN A 3 -11.06 14.57 17.48
CA GLN A 3 -11.08 13.47 16.47
C GLN A 3 -9.65 13.12 16.07
N LYS A 4 -9.36 11.86 15.91
CA LYS A 4 -7.99 11.45 15.51
C LYS A 4 -8.07 10.50 14.31
N LYS A 5 -8.36 11.03 13.15
CA LYS A 5 -8.46 10.16 11.94
C LYS A 5 -9.37 8.98 12.23
N PRO A 6 -10.61 9.08 11.78
CA PRO A 6 -11.61 8.02 11.98
C PRO A 6 -11.41 6.91 10.95
N ARG A 7 -11.07 5.73 11.39
CA ARG A 7 -10.86 4.60 10.44
C ARG A 7 -9.90 5.02 9.33
N VAL A 8 -8.68 4.54 9.38
CA VAL A 8 -7.70 4.91 8.32
C VAL A 8 -7.77 3.91 7.17
N LEU A 9 -8.19 4.34 6.01
CA LEU A 9 -8.28 3.40 4.86
C LEU A 9 -7.13 3.71 3.89
N TRP A 10 -6.79 4.97 3.76
CA TRP A 10 -5.69 5.36 2.84
C TRP A 10 -5.37 6.85 3.05
N THR A 11 -4.80 7.18 4.17
CA THR A 11 -4.47 8.61 4.45
C THR A 11 -2.95 8.81 4.50
N HIS A 12 -2.51 10.02 4.64
CA HIS A 12 -1.05 10.29 4.70
C HIS A 12 -0.40 9.41 5.78
N GLU A 13 -1.17 8.98 6.75
CA GLU A 13 -0.60 8.13 7.83
C GLU A 13 -0.42 6.70 7.31
N LEU A 14 -1.49 6.07 6.94
CA LEU A 14 -1.39 4.67 6.42
C LEU A 14 -0.45 4.63 5.22
N HIS A 15 -0.21 5.75 4.60
CA HIS A 15 0.69 5.77 3.41
C HIS A 15 2.15 5.66 3.87
N ASN A 16 2.47 6.21 5.00
CA ASN A 16 3.87 6.14 5.49
C ASN A 16 4.23 4.70 5.84
N LYS A 17 3.27 3.92 6.25
CA LYS A 17 3.56 2.50 6.60
C LYS A 17 3.66 1.67 5.32
N PHE A 18 2.84 1.96 4.34
CA PHE A 18 2.89 1.18 3.07
C PHE A 18 4.10 1.62 2.25
N LEU A 19 4.59 2.80 2.49
CA LEU A 19 5.78 3.28 1.71
C LEU A 19 7.06 2.74 2.33
N ALA A 20 7.10 2.64 3.63
CA ALA A 20 8.32 2.11 4.29
C ALA A 20 8.35 0.58 4.15
N ALA A 21 7.21 -0.02 3.97
CA ALA A 21 7.17 -1.49 3.81
C ALA A 21 7.61 -1.85 2.40
N VAL A 22 7.14 -1.12 1.42
CA VAL A 22 7.54 -1.40 0.02
C VAL A 22 9.02 -1.08 -0.13
N ASP A 23 9.43 0.05 0.38
CA ASP A 23 10.85 0.45 0.28
C ASP A 23 11.72 -0.60 0.96
N HIS A 24 11.30 -1.05 2.11
CA HIS A 24 12.10 -2.09 2.84
C HIS A 24 12.26 -3.33 1.96
N LEU A 25 11.38 -3.52 1.00
CA LEU A 25 11.48 -4.72 0.12
C LEU A 25 11.82 -4.27 -1.30
N GLY A 26 11.92 -2.99 -1.53
CA GLY A 26 12.24 -2.51 -2.91
C GLY A 26 10.93 -2.45 -3.71
N VAL A 27 10.44 -1.27 -3.97
CA VAL A 27 9.16 -1.15 -4.74
C VAL A 27 9.29 -1.90 -6.06
N GLU A 28 10.49 -2.18 -6.49
CA GLU A 28 10.67 -2.90 -7.77
C GLU A 28 10.13 -4.33 -7.65
N ARG A 29 10.47 -5.02 -6.60
CA ARG A 29 9.98 -6.41 -6.42
C ARG A 29 9.08 -6.51 -5.18
N ALA A 30 8.66 -5.40 -4.66
CA ALA A 30 7.80 -5.43 -3.45
C ALA A 30 6.42 -5.97 -3.81
N VAL A 31 5.97 -6.99 -3.12
CA VAL A 31 4.64 -7.57 -3.41
C VAL A 31 3.69 -7.24 -2.25
N PRO A 32 2.41 -7.30 -2.53
CA PRO A 32 1.37 -7.02 -1.53
C PRO A 32 1.24 -8.19 -0.56
N LYS A 33 1.71 -9.34 -0.96
CA LYS A 33 1.61 -10.54 -0.06
C LYS A 33 2.58 -10.35 1.10
N LYS A 34 3.83 -10.13 0.81
CA LYS A 34 4.82 -9.94 1.91
C LYS A 34 4.52 -8.64 2.64
N ILE A 35 4.16 -7.60 1.93
CA ILE A 35 3.84 -6.33 2.61
C ILE A 35 2.56 -6.52 3.43
N LEU A 36 1.74 -7.44 3.04
CA LEU A 36 0.49 -7.68 3.82
C LEU A 36 0.89 -7.91 5.27
N ASP A 37 1.97 -8.60 5.48
CA ASP A 37 2.43 -8.85 6.88
C ASP A 37 3.00 -7.53 7.42
N LEU A 38 3.64 -6.77 6.58
CA LEU A 38 4.22 -5.47 7.01
C LEU A 38 3.11 -4.59 7.59
N MET A 39 1.91 -4.73 7.08
CA MET A 39 0.78 -3.90 7.59
C MET A 39 0.26 -4.50 8.90
N ASN A 40 -0.07 -5.75 8.91
CA ASN A 40 -0.59 -6.39 10.15
C ASN A 40 -1.80 -5.59 10.66
N VAL A 41 -2.48 -4.92 9.78
CA VAL A 41 -3.68 -4.12 10.20
C VAL A 41 -4.92 -5.00 10.20
N ASP A 42 -5.92 -4.63 10.94
CA ASP A 42 -7.16 -5.45 10.98
C ASP A 42 -8.14 -4.97 9.90
N LYS A 43 -8.82 -5.88 9.26
CA LYS A 43 -9.79 -5.50 8.20
C LYS A 43 -9.06 -5.25 6.87
N LEU A 44 -7.76 -5.25 6.89
CA LEU A 44 -7.01 -5.01 5.63
C LEU A 44 -6.73 -6.34 4.93
N THR A 45 -6.91 -6.40 3.64
CA THR A 45 -6.65 -7.67 2.91
C THR A 45 -5.45 -7.49 1.97
N ARG A 46 -4.90 -8.57 1.49
CA ARG A 46 -3.73 -8.46 0.57
C ARG A 46 -4.22 -8.11 -0.83
N GLU A 47 -5.39 -8.54 -1.19
CA GLU A 47 -5.93 -8.23 -2.54
C GLU A 47 -6.27 -6.74 -2.62
N ASN A 48 -6.50 -6.12 -1.50
CA ASN A 48 -6.84 -4.66 -1.52
C ASN A 48 -5.59 -3.85 -1.86
N VAL A 49 -4.44 -4.27 -1.40
CA VAL A 49 -3.20 -3.51 -1.70
C VAL A 49 -2.68 -3.95 -3.07
N ALA A 50 -2.98 -5.14 -3.48
CA ALA A 50 -2.51 -5.61 -4.81
C ALA A 50 -3.25 -4.85 -5.91
N SER A 51 -4.38 -4.28 -5.59
CA SER A 51 -5.16 -3.52 -6.61
C SER A 51 -4.45 -2.21 -6.92
N HIS A 52 -4.09 -1.47 -5.91
CA HIS A 52 -3.39 -0.17 -6.15
C HIS A 52 -2.16 -0.43 -7.01
N LEU A 53 -1.59 -1.60 -6.91
CA LEU A 53 -0.38 -1.92 -7.73
C LEU A 53 -0.80 -2.15 -9.18
N GLN A 54 -1.95 -2.71 -9.39
CA GLN A 54 -2.41 -2.94 -10.79
C GLN A 54 -2.59 -1.60 -11.49
N LYS A 55 -3.04 -0.60 -10.78
CA LYS A 55 -3.23 0.73 -11.41
C LYS A 55 -1.91 1.19 -12.02
N PHE A 56 -0.80 0.83 -11.43
CA PHE A 56 0.52 1.24 -11.98
C PHE A 56 0.76 0.50 -13.29
N ARG A 57 0.57 -0.80 -13.31
CA ARG A 57 0.77 -1.55 -14.58
C ARG A 57 -0.06 -0.88 -15.66
N VAL A 58 -1.24 -0.44 -15.31
CA VAL A 58 -2.10 0.25 -16.31
C VAL A 58 -1.39 1.54 -16.73
N ALA A 59 -0.81 2.22 -15.79
CA ALA A 59 -0.07 3.47 -16.12
C ALA A 59 1.22 3.11 -16.86
N LEU A 60 1.57 1.85 -16.85
CA LEU A 60 2.82 1.41 -17.54
C LEU A 60 2.48 1.00 -18.97
N LYS A 61 1.22 0.83 -19.27
CA LYS A 61 0.82 0.43 -20.66
C LYS A 61 1.11 1.58 -21.62
N LYS A 62 0.93 2.79 -21.18
CA LYS A 62 1.19 3.96 -22.08
C LYS A 62 2.51 3.74 -22.82
N VAL A 63 3.41 2.99 -22.25
CA VAL A 63 4.72 2.73 -22.93
C VAL A 63 4.48 2.05 -24.27
N SER A 64 5.24 2.39 -25.27
CA SER A 64 5.05 1.77 -26.61
C SER A 64 5.55 0.32 -26.56
N THR A 1 -11.32 14.25 22.43
CA THR A 1 -12.18 13.34 21.63
C THR A 1 -11.34 12.72 20.50
N ALA A 2 -10.16 13.23 20.28
CA ALA A 2 -9.31 12.68 19.19
C ALA A 2 -10.05 12.78 17.85
N GLN A 3 -9.46 12.27 16.80
CA GLN A 3 -10.14 12.34 15.48
C GLN A 3 -10.70 10.97 15.12
N LYS A 4 -11.92 10.91 14.65
CA LYS A 4 -12.52 9.60 14.29
C LYS A 4 -11.59 8.85 13.34
N LYS A 5 -11.97 7.69 12.90
CA LYS A 5 -11.11 6.91 11.97
C LYS A 5 -11.75 6.90 10.58
N PRO A 6 -11.26 7.74 9.71
CA PRO A 6 -11.77 7.83 8.33
C PRO A 6 -11.22 6.67 7.47
N ARG A 7 -11.95 6.29 6.46
CA ARG A 7 -11.49 5.17 5.60
C ARG A 7 -9.99 5.31 5.31
N VAL A 8 -9.17 4.58 6.01
CA VAL A 8 -7.70 4.67 5.75
C VAL A 8 -7.32 3.72 4.62
N LEU A 9 -7.36 4.19 3.40
CA LEU A 9 -6.99 3.30 2.26
C LEU A 9 -5.54 3.62 1.84
N TRP A 10 -5.22 4.88 1.81
CA TRP A 10 -3.84 5.31 1.43
C TRP A 10 -3.68 6.79 1.78
N THR A 11 -3.62 7.11 3.04
CA THR A 11 -3.48 8.54 3.44
C THR A 11 -2.05 8.81 3.89
N HIS A 12 -1.73 10.04 4.20
CA HIS A 12 -0.34 10.37 4.65
C HIS A 12 0.07 9.41 5.77
N GLU A 13 -0.87 8.90 6.51
CA GLU A 13 -0.53 7.96 7.61
C GLU A 13 -0.13 6.61 7.01
N LEU A 14 -1.00 6.02 6.24
CA LEU A 14 -0.67 4.70 5.62
C LEU A 14 0.55 4.82 4.73
N HIS A 15 0.90 6.01 4.32
CA HIS A 15 2.08 6.18 3.43
C HIS A 15 3.37 6.08 4.26
N ASN A 16 3.30 6.40 5.52
CA ASN A 16 4.53 6.33 6.36
C ASN A 16 4.88 4.86 6.67
N LYS A 17 3.90 4.06 7.00
CA LYS A 17 4.18 2.64 7.28
C LYS A 17 4.34 1.88 5.97
N PHE A 18 3.62 2.29 4.97
CA PHE A 18 3.74 1.61 3.65
C PHE A 18 5.02 2.06 2.96
N LEU A 19 5.53 3.21 3.30
CA LEU A 19 6.78 3.70 2.66
C LEU A 19 7.98 2.98 3.26
N ALA A 20 7.96 2.74 4.54
CA ALA A 20 9.12 2.04 5.17
C ALA A 20 9.02 0.55 4.86
N ALA A 21 7.83 0.06 4.63
CA ALA A 21 7.68 -1.38 4.31
C ALA A 21 8.12 -1.62 2.87
N VAL A 22 7.74 -0.76 1.96
CA VAL A 22 8.15 -0.93 0.55
C VAL A 22 9.65 -0.71 0.44
N ASP A 23 10.13 0.32 1.07
CA ASP A 23 11.58 0.62 1.04
C ASP A 23 12.35 -0.56 1.63
N HIS A 24 11.87 -1.10 2.72
CA HIS A 24 12.56 -2.25 3.36
C HIS A 24 12.67 -3.41 2.37
N LEU A 25 11.82 -3.44 1.38
CA LEU A 25 11.88 -4.56 0.39
C LEU A 25 12.33 -4.04 -0.97
N GLY A 26 12.50 -2.74 -1.10
CA GLY A 26 12.92 -2.18 -2.41
C GLY A 26 11.68 -1.89 -3.24
N VAL A 27 11.38 -0.64 -3.45
CA VAL A 27 10.17 -0.28 -4.24
C VAL A 27 10.21 -0.98 -5.60
N GLU A 28 11.35 -1.43 -6.01
CA GLU A 28 11.46 -2.12 -7.34
C GLU A 28 11.00 -3.57 -7.22
N ARG A 29 11.29 -4.23 -6.14
CA ARG A 29 10.86 -5.65 -5.99
C ARG A 29 9.89 -5.79 -4.82
N ALA A 30 9.35 -4.71 -4.34
CA ALA A 30 8.40 -4.78 -3.20
C ALA A 30 7.02 -5.22 -3.69
N VAL A 31 6.39 -6.13 -2.99
CA VAL A 31 5.04 -6.59 -3.41
C VAL A 31 4.05 -6.29 -2.27
N PRO A 32 2.79 -6.27 -2.61
CA PRO A 32 1.72 -6.01 -1.64
C PRO A 32 1.48 -7.24 -0.77
N LYS A 33 1.83 -8.40 -1.27
CA LYS A 33 1.63 -9.64 -0.49
C LYS A 33 2.61 -9.65 0.69
N LYS A 34 3.87 -9.45 0.44
CA LYS A 34 4.86 -9.43 1.55
C LYS A 34 4.63 -8.19 2.41
N ILE A 35 4.34 -7.08 1.79
CA ILE A 35 4.10 -5.86 2.60
C ILE A 35 2.82 -6.04 3.41
N LEU A 36 1.94 -6.88 2.95
CA LEU A 36 0.69 -7.12 3.72
C LEU A 36 1.08 -7.50 5.15
N ASP A 37 2.13 -8.25 5.29
CA ASP A 37 2.59 -8.62 6.67
C ASP A 37 3.23 -7.39 7.31
N LEU A 38 3.90 -6.60 6.51
CA LEU A 38 4.56 -5.37 7.05
C LEU A 38 3.51 -4.47 7.70
N MET A 39 2.30 -4.49 7.20
CA MET A 39 1.23 -3.62 7.78
C MET A 39 0.58 -4.34 8.96
N ASN A 40 0.19 -5.57 8.78
CA ASN A 40 -0.46 -6.32 9.90
C ASN A 40 -1.63 -5.50 10.43
N VAL A 41 -2.20 -4.66 9.61
CA VAL A 41 -3.35 -3.83 10.07
C VAL A 41 -4.63 -4.67 10.05
N ASP A 42 -5.62 -4.26 10.80
CA ASP A 42 -6.89 -5.04 10.82
C ASP A 42 -7.82 -4.54 9.73
N LYS A 43 -8.59 -5.41 9.13
CA LYS A 43 -9.52 -4.97 8.05
C LYS A 43 -8.73 -4.72 6.76
N LEU A 44 -7.43 -4.90 6.79
CA LEU A 44 -6.61 -4.65 5.58
C LEU A 44 -6.27 -6.00 4.93
N THR A 45 -6.75 -6.24 3.73
CA THR A 45 -6.44 -7.53 3.05
C THR A 45 -5.30 -7.30 2.05
N ARG A 46 -4.75 -8.37 1.52
CA ARG A 46 -3.64 -8.21 0.54
C ARG A 46 -4.21 -7.77 -0.80
N GLU A 47 -5.48 -7.94 -1.00
CA GLU A 47 -6.10 -7.52 -2.29
C GLU A 47 -6.24 -6.00 -2.33
N ASN A 48 -6.47 -5.38 -1.20
CA ASN A 48 -6.62 -3.90 -1.17
C ASN A 48 -5.29 -3.25 -1.58
N VAL A 49 -4.19 -3.78 -1.11
CA VAL A 49 -2.87 -3.19 -1.47
C VAL A 49 -2.43 -3.75 -2.82
N ALA A 50 -2.91 -4.91 -3.18
CA ALA A 50 -2.53 -5.51 -4.49
C ALA A 50 -3.31 -4.83 -5.61
N SER A 51 -4.42 -4.20 -5.28
CA SER A 51 -5.22 -3.51 -6.32
C SER A 51 -4.55 -2.19 -6.70
N HIS A 52 -4.08 -1.46 -5.72
CA HIS A 52 -3.41 -0.15 -6.02
C HIS A 52 -2.09 -0.43 -6.75
N LEU A 53 -1.48 -1.55 -6.47
CA LEU A 53 -0.19 -1.87 -7.15
C LEU A 53 -0.48 -2.32 -8.58
N GLN A 54 -1.49 -3.10 -8.78
CA GLN A 54 -1.82 -3.57 -10.16
C GLN A 54 -2.29 -2.38 -11.00
N LYS A 55 -2.92 -1.42 -10.37
CA LYS A 55 -3.40 -0.24 -11.14
C LYS A 55 -2.20 0.57 -11.65
N PHE A 56 -1.10 0.50 -10.96
CA PHE A 56 0.10 1.26 -11.41
C PHE A 56 0.68 0.59 -12.65
N ARG A 57 0.66 -0.71 -12.70
CA ARG A 57 1.20 -1.42 -13.89
C ARG A 57 0.32 -1.05 -15.09
N VAL A 58 -0.97 -1.04 -14.91
CA VAL A 58 -1.87 -0.66 -16.03
C VAL A 58 -1.60 0.80 -16.38
N ALA A 59 -1.27 1.59 -15.39
CA ALA A 59 -0.97 3.03 -15.63
C ALA A 59 0.46 3.16 -16.14
N LEU A 60 1.23 2.10 -16.02
CA LEU A 60 2.64 2.14 -16.47
C LEU A 60 2.70 1.95 -17.99
N LYS A 61 1.72 1.27 -18.55
CA LYS A 61 1.72 1.06 -20.02
C LYS A 61 1.21 2.32 -20.72
N LYS A 62 0.86 3.33 -19.97
CA LYS A 62 0.35 4.59 -20.58
C LYS A 62 1.37 5.71 -20.38
N VAL A 63 2.53 5.39 -19.86
CA VAL A 63 3.57 6.44 -19.64
C VAL A 63 4.94 5.78 -19.52
N SER A 64 5.87 6.18 -20.36
CA SER A 64 7.22 5.57 -20.29
C SER A 64 7.11 4.05 -20.18
N THR A 1 -17.37 11.89 16.93
CA THR A 1 -16.69 13.11 17.46
C THR A 1 -15.38 13.34 16.72
N ALA A 2 -14.80 12.30 16.17
CA ALA A 2 -13.52 12.46 15.43
C ALA A 2 -12.40 12.72 16.43
N GLN A 3 -12.15 11.80 17.32
CA GLN A 3 -11.06 12.01 18.32
C GLN A 3 -10.51 10.65 18.76
N LYS A 4 -10.07 9.84 17.83
CA LYS A 4 -9.51 8.51 18.20
C LYS A 4 -9.04 7.79 16.93
N LYS A 5 -8.29 8.47 16.11
CA LYS A 5 -7.79 7.83 14.87
C LYS A 5 -8.97 7.30 14.04
N PRO A 6 -9.23 7.94 12.93
CA PRO A 6 -10.34 7.55 12.03
C PRO A 6 -9.94 6.32 11.22
N ARG A 7 -10.90 5.56 10.75
CA ARG A 7 -10.59 4.34 9.97
C ARG A 7 -9.44 4.63 9.00
N VAL A 8 -8.33 3.97 9.16
CA VAL A 8 -7.17 4.20 8.26
C VAL A 8 -7.21 3.19 7.10
N LEU A 9 -7.80 3.55 6.00
CA LEU A 9 -7.87 2.61 4.84
C LEU A 9 -6.94 3.10 3.73
N TRP A 10 -6.77 4.39 3.61
CA TRP A 10 -5.87 4.94 2.56
C TRP A 10 -5.64 6.43 2.81
N THR A 11 -4.95 6.77 3.87
CA THR A 11 -4.71 8.21 4.18
C THR A 11 -3.21 8.51 4.05
N HIS A 12 -2.85 9.77 4.17
CA HIS A 12 -1.41 10.13 4.06
C HIS A 12 -0.58 9.20 4.95
N GLU A 13 -1.16 8.72 6.02
CA GLU A 13 -0.41 7.81 6.92
C GLU A 13 -0.17 6.49 6.21
N LEU A 14 -1.22 5.88 5.72
CA LEU A 14 -1.07 4.57 5.02
C LEU A 14 -0.13 4.75 3.83
N HIS A 15 0.04 5.96 3.37
CA HIS A 15 0.95 6.20 2.21
C HIS A 15 2.41 6.16 2.67
N ASN A 16 2.68 6.60 3.87
CA ASN A 16 4.08 6.60 4.37
C ASN A 16 4.51 5.16 4.68
N LYS A 17 3.63 4.36 5.22
CA LYS A 17 4.00 2.96 5.54
C LYS A 17 4.08 2.14 4.26
N PHE A 18 3.23 2.43 3.32
CA PHE A 18 3.25 1.66 2.04
C PHE A 18 4.48 2.05 1.22
N LEU A 19 4.97 3.24 1.40
CA LEU A 19 6.17 3.67 0.61
C LEU A 19 7.43 3.11 1.25
N ALA A 20 7.51 3.09 2.55
CA ALA A 20 8.72 2.55 3.21
C ALA A 20 8.67 1.02 3.18
N ALA A 21 7.50 0.47 3.06
CA ALA A 21 7.39 -1.02 3.01
C ALA A 21 7.79 -1.50 1.60
N VAL A 22 7.36 -0.81 0.59
CA VAL A 22 7.72 -1.21 -0.79
C VAL A 22 9.21 -0.95 -1.00
N ASP A 23 9.66 0.20 -0.58
CA ASP A 23 11.10 0.55 -0.73
C ASP A 23 11.94 -0.48 0.01
N HIS A 24 11.52 -0.86 1.19
CA HIS A 24 12.30 -1.85 1.97
C HIS A 24 12.47 -3.14 1.16
N LEU A 25 11.59 -3.38 0.23
CA LEU A 25 11.69 -4.62 -0.59
C LEU A 25 12.07 -4.26 -2.03
N GLY A 26 12.15 -2.99 -2.33
CA GLY A 26 12.50 -2.60 -3.72
C GLY A 26 11.22 -2.53 -4.56
N VAL A 27 10.79 -1.37 -4.94
CA VAL A 27 9.55 -1.23 -5.74
C VAL A 27 9.63 -2.13 -6.98
N GLU A 28 10.81 -2.54 -7.35
CA GLU A 28 10.95 -3.40 -8.57
C GLU A 28 10.51 -4.83 -8.25
N ARG A 29 10.86 -5.34 -7.11
CA ARG A 29 10.47 -6.74 -6.75
C ARG A 29 9.56 -6.72 -5.53
N ALA A 30 9.03 -5.59 -5.18
CA ALA A 30 8.15 -5.50 -3.98
C ALA A 30 6.75 -6.03 -4.33
N VAL A 31 6.29 -7.04 -3.63
CA VAL A 31 4.94 -7.59 -3.91
C VAL A 31 3.99 -7.13 -2.81
N PRO A 32 2.72 -7.17 -3.10
CA PRO A 32 1.68 -6.76 -2.14
C PRO A 32 1.48 -7.85 -1.08
N LYS A 33 1.79 -9.07 -1.41
CA LYS A 33 1.63 -10.17 -0.43
C LYS A 33 2.65 -10.01 0.70
N LYS A 34 3.89 -9.82 0.36
CA LYS A 34 4.92 -9.65 1.42
C LYS A 34 4.69 -8.33 2.14
N ILE A 35 4.36 -7.29 1.43
CA ILE A 35 4.11 -5.99 2.10
C ILE A 35 2.90 -6.14 3.02
N LEU A 36 2.05 -7.08 2.74
CA LEU A 36 0.87 -7.28 3.61
C LEU A 36 1.37 -7.46 5.04
N ASP A 37 2.50 -8.09 5.21
CA ASP A 37 3.06 -8.28 6.58
C ASP A 37 3.71 -6.96 7.01
N LEU A 38 4.21 -6.21 6.06
CA LEU A 38 4.86 -4.92 6.39
C LEU A 38 3.82 -3.98 7.01
N MET A 39 2.58 -4.10 6.60
CA MET A 39 1.53 -3.21 7.17
C MET A 39 0.93 -3.86 8.42
N ASN A 40 0.72 -5.15 8.39
CA ASN A 40 0.13 -5.83 9.58
C ASN A 40 -1.14 -5.10 10.00
N VAL A 41 -1.77 -4.43 9.09
CA VAL A 41 -3.01 -3.68 9.42
C VAL A 41 -4.20 -4.65 9.44
N ASP A 42 -5.16 -4.42 10.30
CA ASP A 42 -6.34 -5.33 10.36
C ASP A 42 -7.42 -4.82 9.40
N LYS A 43 -8.21 -5.70 8.87
CA LYS A 43 -9.29 -5.27 7.93
C LYS A 43 -8.68 -5.01 6.54
N LEU A 44 -7.39 -5.11 6.42
CA LEU A 44 -6.75 -4.86 5.10
C LEU A 44 -6.60 -6.20 4.35
N THR A 45 -7.01 -6.25 3.12
CA THR A 45 -6.90 -7.51 2.34
C THR A 45 -5.71 -7.41 1.37
N ARG A 46 -5.22 -8.53 0.91
CA ARG A 46 -4.07 -8.49 -0.04
C ARG A 46 -4.57 -8.13 -1.43
N GLU A 47 -5.83 -8.34 -1.70
CA GLU A 47 -6.39 -8.00 -3.04
C GLU A 47 -6.52 -6.48 -3.17
N ASN A 48 -6.75 -5.80 -2.08
CA ASN A 48 -6.88 -4.31 -2.15
C ASN A 48 -5.52 -3.69 -2.47
N VAL A 49 -4.47 -4.23 -1.92
CA VAL A 49 -3.12 -3.67 -2.20
C VAL A 49 -2.59 -4.24 -3.52
N ALA A 50 -3.06 -5.40 -3.90
CA ALA A 50 -2.59 -6.00 -5.18
C ALA A 50 -3.30 -5.34 -6.35
N SER A 51 -4.43 -4.73 -6.11
CA SER A 51 -5.17 -4.06 -7.22
C SER A 51 -4.52 -2.70 -7.51
N HIS A 52 -4.17 -1.98 -6.48
CA HIS A 52 -3.53 -0.65 -6.70
C HIS A 52 -2.15 -0.84 -7.31
N LEU A 53 -1.53 -1.96 -7.04
CA LEU A 53 -0.17 -2.21 -7.60
C LEU A 53 -0.29 -2.53 -9.10
N GLN A 54 -1.30 -3.27 -9.47
CA GLN A 54 -1.46 -3.63 -10.91
C GLN A 54 -1.81 -2.36 -11.70
N LYS A 55 -2.66 -1.52 -11.16
CA LYS A 55 -3.04 -0.28 -11.88
C LYS A 55 -1.86 0.69 -11.87
N PHE A 56 -1.07 0.67 -10.83
CA PHE A 56 0.10 1.60 -10.77
C PHE A 56 1.10 1.23 -11.87
N ARG A 57 1.36 -0.03 -12.07
CA ARG A 57 2.32 -0.43 -13.14
C ARG A 57 1.80 0.12 -14.47
N VAL A 58 0.51 0.05 -14.68
CA VAL A 58 -0.06 0.59 -15.95
C VAL A 58 0.15 2.10 -15.95
N ALA A 59 0.07 2.71 -14.81
CA ALA A 59 0.29 4.18 -14.71
C ALA A 59 1.80 4.47 -14.75
N LEU A 60 2.60 3.45 -14.59
CA LEU A 60 4.07 3.64 -14.61
C LEU A 60 4.58 3.55 -16.05
N LYS A 61 3.76 3.10 -16.96
CA LYS A 61 4.19 2.99 -18.38
C LYS A 61 3.14 3.61 -19.29
N LYS A 62 2.11 4.19 -18.72
CA LYS A 62 1.04 4.81 -19.56
C LYS A 62 1.00 6.31 -19.30
N VAL A 63 1.65 6.77 -18.27
CA VAL A 63 1.65 8.23 -17.97
C VAL A 63 2.56 8.97 -18.95
N SER A 64 2.07 10.04 -19.53
CA SER A 64 2.90 10.81 -20.50
C SER A 64 3.50 9.84 -21.53
N THR A 1 -19.37 15.51 13.47
CA THR A 1 -18.62 15.99 12.28
C THR A 1 -17.36 15.14 12.09
N ALA A 2 -17.46 13.85 12.27
CA ALA A 2 -16.28 12.97 12.10
C ALA A 2 -15.13 13.49 12.97
N GLN A 3 -14.03 12.81 12.98
CA GLN A 3 -12.87 13.25 13.81
C GLN A 3 -11.72 13.66 12.90
N LYS A 4 -11.97 14.51 11.94
CA LYS A 4 -10.88 14.94 11.02
C LYS A 4 -10.06 13.73 10.60
N LYS A 5 -10.70 12.70 10.12
CA LYS A 5 -9.95 11.48 9.70
C LYS A 5 -10.85 10.60 8.82
N PRO A 6 -10.57 10.58 7.54
CA PRO A 6 -11.34 9.78 6.58
C PRO A 6 -10.95 8.31 6.67
N ARG A 7 -11.83 7.42 6.29
CA ARG A 7 -11.51 5.96 6.36
C ARG A 7 -10.06 5.73 5.93
N VAL A 8 -9.18 5.49 6.87
CA VAL A 8 -7.75 5.28 6.51
C VAL A 8 -7.63 3.97 5.72
N LEU A 9 -7.78 4.05 4.43
CA LEU A 9 -7.67 2.83 3.57
C LEU A 9 -6.42 2.97 2.71
N TRP A 10 -6.02 4.17 2.42
CA TRP A 10 -4.82 4.41 1.58
C TRP A 10 -4.47 5.90 1.63
N THR A 11 -4.19 6.41 2.80
CA THR A 11 -3.85 7.86 2.92
C THR A 11 -2.40 8.03 3.35
N HIS A 12 -1.94 9.24 3.42
CA HIS A 12 -0.53 9.48 3.84
C HIS A 12 -0.22 8.68 5.10
N GLU A 13 -1.23 8.30 5.84
CA GLU A 13 -0.99 7.52 7.08
C GLU A 13 -0.73 6.06 6.72
N LEU A 14 -1.60 5.48 5.93
CA LEU A 14 -1.42 4.05 5.54
C LEU A 14 -0.49 3.91 4.33
N HIS A 15 -0.83 4.54 3.24
CA HIS A 15 0.02 4.44 2.02
C HIS A 15 1.48 4.73 2.38
N ASN A 16 1.71 5.42 3.47
CA ASN A 16 3.11 5.73 3.86
C ASN A 16 3.80 4.47 4.39
N LYS A 17 3.13 3.70 5.19
CA LYS A 17 3.76 2.46 5.73
C LYS A 17 4.06 1.50 4.59
N PHE A 18 3.20 1.45 3.61
CA PHE A 18 3.44 0.53 2.46
C PHE A 18 4.62 1.05 1.64
N LEU A 19 4.80 2.33 1.57
CA LEU A 19 5.93 2.89 0.78
C LEU A 19 7.25 2.59 1.49
N ALA A 20 7.32 2.80 2.78
CA ALA A 20 8.58 2.52 3.51
C ALA A 20 8.84 1.01 3.53
N ALA A 21 7.80 0.23 3.54
CA ALA A 21 8.00 -1.25 3.56
C ALA A 21 8.54 -1.70 2.20
N VAL A 22 8.03 -1.14 1.14
CA VAL A 22 8.52 -1.53 -0.21
C VAL A 22 9.99 -1.15 -0.35
N ASP A 23 10.32 0.05 0.02
CA ASP A 23 11.74 0.50 -0.08
C ASP A 23 12.62 -0.41 0.77
N HIS A 24 12.17 -0.73 1.95
CA HIS A 24 12.98 -1.60 2.84
C HIS A 24 13.17 -2.98 2.19
N LEU A 25 12.31 -3.35 1.29
CA LEU A 25 12.45 -4.68 0.63
C LEU A 25 12.86 -4.52 -0.83
N GLY A 26 12.98 -3.30 -1.30
CA GLY A 26 13.37 -3.09 -2.72
C GLY A 26 12.12 -3.19 -3.58
N VAL A 27 11.66 -2.08 -4.10
CA VAL A 27 10.44 -2.11 -4.96
C VAL A 27 10.61 -3.14 -6.06
N GLU A 28 11.82 -3.52 -6.35
CA GLU A 28 12.05 -4.52 -7.43
C GLU A 28 11.47 -5.89 -7.01
N ARG A 29 11.70 -6.29 -5.78
CA ARG A 29 11.17 -7.61 -5.33
C ARG A 29 10.17 -7.41 -4.20
N ALA A 30 9.72 -6.21 -3.98
CA ALA A 30 8.74 -5.97 -2.87
C ALA A 30 7.33 -6.33 -3.34
N VAL A 31 6.78 -7.40 -2.84
CA VAL A 31 5.41 -7.80 -3.24
C VAL A 31 4.42 -7.35 -2.17
N PRO A 32 3.17 -7.26 -2.54
CA PRO A 32 2.10 -6.84 -1.62
C PRO A 32 1.75 -7.99 -0.67
N LYS A 33 1.95 -9.19 -1.09
CA LYS A 33 1.64 -10.36 -0.21
C LYS A 33 2.62 -10.37 0.97
N LYS A 34 3.89 -10.25 0.70
CA LYS A 34 4.88 -10.26 1.80
C LYS A 34 4.75 -8.97 2.60
N ILE A 35 4.59 -7.86 1.95
CA ILE A 35 4.45 -6.58 2.71
C ILE A 35 3.14 -6.63 3.47
N LEU A 36 2.20 -7.41 3.02
CA LEU A 36 0.92 -7.51 3.77
C LEU A 36 1.25 -7.92 5.20
N ASP A 37 2.30 -8.68 5.37
CA ASP A 37 2.70 -9.10 6.74
C ASP A 37 3.38 -7.91 7.43
N LEU A 38 4.05 -7.09 6.67
CA LEU A 38 4.73 -5.90 7.25
C LEU A 38 3.69 -5.03 7.96
N MET A 39 2.52 -4.92 7.42
CA MET A 39 1.46 -4.08 8.06
C MET A 39 0.73 -4.90 9.12
N ASN A 40 0.32 -6.09 8.79
CA ASN A 40 -0.40 -6.93 9.79
C ASN A 40 -1.52 -6.10 10.42
N VAL A 41 -1.97 -5.10 9.71
CA VAL A 41 -3.05 -4.24 10.25
C VAL A 41 -4.41 -4.95 10.11
N ASP A 42 -5.38 -4.53 10.87
CA ASP A 42 -6.72 -5.17 10.78
C ASP A 42 -7.53 -4.50 9.68
N LYS A 43 -8.38 -5.23 9.01
CA LYS A 43 -9.20 -4.64 7.92
C LYS A 43 -8.34 -4.51 6.65
N LEU A 44 -7.07 -4.79 6.75
CA LEU A 44 -6.20 -4.69 5.54
C LEU A 44 -5.93 -6.09 4.99
N THR A 45 -6.59 -6.47 3.93
CA THR A 45 -6.37 -7.82 3.34
C THR A 45 -5.28 -7.74 2.27
N ARG A 46 -4.81 -8.87 1.82
CA ARG A 46 -3.74 -8.86 0.77
C ARG A 46 -4.33 -8.36 -0.56
N GLU A 47 -5.63 -8.40 -0.69
CA GLU A 47 -6.25 -7.93 -1.97
C GLU A 47 -6.26 -6.41 -2.01
N ASN A 48 -6.21 -5.77 -0.88
CA ASN A 48 -6.22 -4.27 -0.87
C ASN A 48 -4.81 -3.76 -1.16
N VAL A 49 -3.80 -4.46 -0.73
CA VAL A 49 -2.40 -4.02 -0.98
C VAL A 49 -1.99 -4.47 -2.37
N ALA A 50 -2.53 -5.58 -2.81
CA ALA A 50 -2.18 -6.09 -4.17
C ALA A 50 -2.97 -5.30 -5.22
N SER A 51 -4.07 -4.72 -4.83
CA SER A 51 -4.88 -3.93 -5.79
C SER A 51 -4.27 -2.55 -5.97
N HIS A 52 -3.83 -1.94 -4.90
CA HIS A 52 -3.22 -0.58 -5.00
C HIS A 52 -1.86 -0.70 -5.70
N LEU A 53 -1.19 -1.81 -5.54
CA LEU A 53 0.14 -1.97 -6.18
C LEU A 53 -0.06 -2.31 -7.66
N GLN A 54 -1.08 -3.05 -7.98
CA GLN A 54 -1.33 -3.40 -9.41
C GLN A 54 -1.87 -2.19 -10.16
N LYS A 55 -2.58 -1.33 -9.48
CA LYS A 55 -3.13 -0.11 -10.15
C LYS A 55 -2.00 0.89 -10.41
N PHE A 56 -1.00 0.88 -9.57
CA PHE A 56 0.14 1.84 -9.78
C PHE A 56 1.00 1.36 -10.94
N ARG A 57 1.30 0.09 -11.01
CA ARG A 57 2.11 -0.42 -12.14
C ARG A 57 1.38 -0.09 -13.44
N VAL A 58 0.09 -0.29 -13.46
CA VAL A 58 -0.69 0.04 -14.69
C VAL A 58 -0.61 1.54 -14.92
N ALA A 59 -0.65 2.29 -13.86
CA ALA A 59 -0.56 3.78 -13.99
C ALA A 59 0.89 4.16 -14.30
N LEU A 60 1.80 3.22 -14.15
CA LEU A 60 3.23 3.51 -14.43
C LEU A 60 3.55 3.21 -15.89
N LYS A 61 2.70 2.46 -16.55
CA LYS A 61 2.95 2.14 -17.98
C LYS A 61 2.04 3.00 -18.87
N LYS A 62 1.41 3.98 -18.30
CA LYS A 62 0.51 4.85 -19.12
C LYS A 62 0.58 6.29 -18.58
N VAL A 63 1.68 6.68 -18.03
CA VAL A 63 1.80 8.06 -17.50
C VAL A 63 2.91 8.80 -18.26
N SER A 64 2.74 8.98 -19.54
CA SER A 64 3.78 9.70 -20.34
C SER A 64 3.24 11.05 -20.78
N THR A 1 1.17 16.68 14.13
CA THR A 1 -0.30 16.87 13.94
C THR A 1 -1.06 16.19 15.08
N ALA A 2 -2.06 16.83 15.61
CA ALA A 2 -2.84 16.21 16.72
C ALA A 2 -3.14 14.74 16.38
N GLN A 3 -2.81 13.84 17.26
CA GLN A 3 -3.08 12.41 16.99
C GLN A 3 -4.56 12.10 17.24
N LYS A 4 -5.38 12.27 16.23
CA LYS A 4 -6.83 11.99 16.42
C LYS A 4 -7.45 11.67 15.06
N LYS A 5 -7.10 10.56 14.48
CA LYS A 5 -7.67 10.18 13.15
C LYS A 5 -8.64 9.01 13.34
N PRO A 6 -9.92 9.29 13.27
CA PRO A 6 -10.96 8.27 13.42
C PRO A 6 -11.10 7.46 12.13
N ARG A 7 -11.04 6.16 12.23
CA ARG A 7 -11.18 5.30 11.01
C ARG A 7 -9.98 5.54 10.08
N VAL A 8 -9.32 4.49 9.67
CA VAL A 8 -8.17 4.63 8.76
C VAL A 8 -8.23 3.54 7.68
N LEU A 9 -8.75 3.86 6.53
CA LEU A 9 -8.83 2.84 5.45
C LEU A 9 -7.79 3.18 4.38
N TRP A 10 -7.51 4.43 4.18
CA TRP A 10 -6.50 4.83 3.16
C TRP A 10 -6.16 6.32 3.33
N THR A 11 -5.49 6.66 4.39
CA THR A 11 -5.14 8.09 4.61
C THR A 11 -3.63 8.29 4.52
N HIS A 12 -3.17 9.51 4.57
CA HIS A 12 -1.71 9.77 4.50
C HIS A 12 -0.98 8.86 5.49
N GLU A 13 -1.63 8.53 6.58
CA GLU A 13 -0.98 7.65 7.59
C GLU A 13 -0.80 6.25 7.00
N LEU A 14 -1.85 5.69 6.46
CA LEU A 14 -1.75 4.33 5.87
C LEU A 14 -0.81 4.36 4.65
N HIS A 15 -0.59 5.51 4.09
CA HIS A 15 0.31 5.59 2.91
C HIS A 15 1.77 5.60 3.36
N ASN A 16 2.04 5.97 4.58
CA ASN A 16 3.45 5.99 5.07
C ASN A 16 3.90 4.58 5.43
N LYS A 17 3.01 3.76 5.90
CA LYS A 17 3.40 2.37 6.27
C LYS A 17 3.47 1.51 4.99
N PHE A 18 2.60 1.74 4.06
CA PHE A 18 2.61 0.94 2.81
C PHE A 18 3.75 1.42 1.91
N LEU A 19 4.18 2.63 2.08
CA LEU A 19 5.29 3.16 1.22
C LEU A 19 6.63 2.71 1.79
N ALA A 20 6.75 2.65 3.10
CA ALA A 20 8.04 2.22 3.70
C ALA A 20 8.18 0.71 3.57
N ALA A 21 7.08 0.00 3.51
CA ALA A 21 7.17 -1.48 3.38
C ALA A 21 7.56 -1.82 1.95
N VAL A 22 6.99 -1.13 0.99
CA VAL A 22 7.35 -1.41 -0.43
C VAL A 22 8.80 -1.00 -0.67
N ASP A 23 9.16 0.17 -0.24
CA ASP A 23 10.54 0.65 -0.43
C ASP A 23 11.51 -0.31 0.26
N HIS A 24 11.17 -0.75 1.43
CA HIS A 24 12.06 -1.69 2.18
C HIS A 24 12.30 -2.95 1.34
N LEU A 25 11.40 -3.26 0.45
CA LEU A 25 11.59 -4.48 -0.39
C LEU A 25 11.93 -4.09 -1.83
N GLY A 26 11.87 -2.83 -2.15
CA GLY A 26 12.18 -2.40 -3.53
C GLY A 26 10.95 -2.65 -4.41
N VAL A 27 10.29 -1.61 -4.83
CA VAL A 27 9.07 -1.80 -5.68
C VAL A 27 9.40 -2.73 -6.85
N GLU A 28 10.64 -2.87 -7.18
CA GLU A 28 11.02 -3.75 -8.32
C GLU A 28 10.87 -5.23 -7.93
N ARG A 29 11.26 -5.58 -6.73
CA ARG A 29 11.14 -7.00 -6.29
C ARG A 29 10.17 -7.12 -5.12
N ALA A 30 9.38 -6.10 -4.88
CA ALA A 30 8.42 -6.15 -3.74
C ALA A 30 7.07 -6.66 -4.22
N VAL A 31 6.51 -7.60 -3.51
CA VAL A 31 5.17 -8.15 -3.89
C VAL A 31 4.14 -7.71 -2.87
N PRO A 32 2.89 -7.75 -3.27
CA PRO A 32 1.77 -7.35 -2.41
C PRO A 32 1.46 -8.45 -1.39
N LYS A 33 1.79 -9.68 -1.71
CA LYS A 33 1.53 -10.79 -0.76
C LYS A 33 2.44 -10.65 0.46
N LYS A 34 3.72 -10.52 0.24
CA LYS A 34 4.65 -10.38 1.39
C LYS A 34 4.38 -9.05 2.09
N ILE A 35 4.12 -8.01 1.37
CA ILE A 35 3.86 -6.71 2.02
C ILE A 35 2.56 -6.83 2.83
N LEU A 36 1.68 -7.69 2.43
CA LEU A 36 0.42 -7.85 3.19
C LEU A 36 0.79 -8.10 4.65
N ASP A 37 1.86 -8.81 4.88
CA ASP A 37 2.30 -9.07 6.28
C ASP A 37 2.87 -7.76 6.86
N LEU A 38 3.51 -6.98 6.02
CA LEU A 38 4.08 -5.69 6.49
C LEU A 38 2.97 -4.84 7.09
N MET A 39 1.80 -4.89 6.51
CA MET A 39 0.67 -4.08 7.04
C MET A 39 0.11 -4.74 8.30
N ASN A 40 -0.23 -6.00 8.23
CA ASN A 40 -0.78 -6.69 9.42
C ASN A 40 -1.93 -5.86 9.99
N VAL A 41 -2.55 -5.05 9.16
CA VAL A 41 -3.67 -4.20 9.65
C VAL A 41 -4.95 -5.04 9.72
N ASP A 42 -5.86 -4.67 10.57
CA ASP A 42 -7.14 -5.45 10.69
C ASP A 42 -8.17 -4.86 9.72
N LYS A 43 -8.97 -5.71 9.12
CA LYS A 43 -10.01 -5.21 8.17
C LYS A 43 -9.38 -5.00 6.78
N LEU A 44 -8.08 -5.11 6.69
CA LEU A 44 -7.41 -4.91 5.37
C LEU A 44 -7.30 -6.25 4.64
N THR A 45 -7.45 -6.25 3.35
CA THR A 45 -7.36 -7.52 2.58
C THR A 45 -6.19 -7.44 1.60
N ARG A 46 -5.76 -8.55 1.08
CA ARG A 46 -4.62 -8.52 0.11
C ARG A 46 -5.11 -7.98 -1.24
N GLU A 47 -6.39 -8.00 -1.47
CA GLU A 47 -6.93 -7.49 -2.76
C GLU A 47 -6.95 -5.96 -2.74
N ASN A 48 -7.02 -5.39 -1.57
CA ASN A 48 -7.05 -3.90 -1.48
C ASN A 48 -5.68 -3.33 -1.85
N VAL A 49 -4.62 -3.92 -1.34
CA VAL A 49 -3.26 -3.42 -1.66
C VAL A 49 -2.82 -4.01 -3.01
N ALA A 50 -3.35 -5.14 -3.36
CA ALA A 50 -2.96 -5.78 -4.65
C ALA A 50 -3.65 -5.02 -5.80
N SER A 51 -4.70 -4.32 -5.49
CA SER A 51 -5.42 -3.56 -6.56
C SER A 51 -4.60 -2.33 -6.96
N HIS A 52 -4.14 -1.57 -6.01
CA HIS A 52 -3.33 -0.37 -6.35
C HIS A 52 -2.08 -0.79 -7.11
N LEU A 53 -1.51 -1.90 -6.74
CA LEU A 53 -0.29 -2.38 -7.46
C LEU A 53 -0.63 -2.71 -8.90
N GLN A 54 -1.74 -3.38 -9.12
CA GLN A 54 -2.13 -3.73 -10.52
C GLN A 54 -2.51 -2.46 -11.28
N LYS A 55 -2.93 -1.45 -10.57
CA LYS A 55 -3.31 -0.18 -11.25
C LYS A 55 -2.06 0.53 -11.76
N PHE A 56 -0.95 0.34 -11.10
CA PHE A 56 0.32 1.00 -11.56
C PHE A 56 0.75 0.39 -12.88
N ARG A 57 0.77 -0.91 -12.98
CA ARG A 57 1.18 -1.54 -14.27
C ARG A 57 0.30 -0.97 -15.38
N VAL A 58 -0.95 -0.75 -15.08
CA VAL A 58 -1.86 -0.17 -16.09
C VAL A 58 -1.37 1.25 -16.42
N ALA A 59 -0.93 1.96 -15.42
CA ALA A 59 -0.40 3.33 -15.64
C ALA A 59 0.95 3.22 -16.33
N LEU A 60 1.52 2.05 -16.34
CA LEU A 60 2.84 1.86 -16.99
C LEU A 60 2.64 1.40 -18.43
N LYS A 61 1.48 0.87 -18.73
CA LYS A 61 1.21 0.39 -20.12
C LYS A 61 0.63 1.54 -20.94
N LYS A 62 -0.54 1.99 -20.60
CA LYS A 62 -1.17 3.10 -21.36
C LYS A 62 -0.86 4.43 -20.67
N VAL A 63 0.40 4.79 -20.58
CA VAL A 63 0.77 6.06 -19.92
C VAL A 63 0.05 7.23 -20.61
N SER A 64 0.23 8.42 -20.12
CA SER A 64 -0.44 9.59 -20.75
C SER A 64 0.51 10.23 -21.76
N THR A 1 -6.31 20.89 17.63
CA THR A 1 -6.48 19.63 16.85
C THR A 1 -7.67 18.84 17.41
N ALA A 2 -8.48 18.29 16.55
CA ALA A 2 -9.65 17.51 17.04
C ALA A 2 -10.15 16.59 15.91
N GLN A 3 -10.74 15.48 16.26
CA GLN A 3 -11.25 14.55 15.22
C GLN A 3 -10.09 14.08 14.34
N LYS A 4 -9.61 12.89 14.55
CA LYS A 4 -8.48 12.37 13.72
C LYS A 4 -9.00 11.98 12.35
N LYS A 5 -8.19 11.35 11.54
CA LYS A 5 -8.63 10.95 10.19
C LYS A 5 -9.75 9.90 10.32
N PRO A 6 -10.80 10.08 9.56
CA PRO A 6 -11.95 9.16 9.57
C PRO A 6 -11.65 7.90 8.75
N ARG A 7 -11.98 6.75 9.27
CA ARG A 7 -11.73 5.47 8.55
C ARG A 7 -10.40 5.53 7.78
N VAL A 8 -9.35 5.03 8.38
CA VAL A 8 -8.02 5.06 7.68
C VAL A 8 -8.01 3.96 6.62
N LEU A 9 -8.44 4.27 5.42
CA LEU A 9 -8.44 3.25 4.34
C LEU A 9 -7.26 3.50 3.41
N TRP A 10 -6.93 4.74 3.15
CA TRP A 10 -5.79 5.06 2.26
C TRP A 10 -5.52 6.56 2.30
N THR A 11 -4.96 7.05 3.36
CA THR A 11 -4.69 8.51 3.46
C THR A 11 -3.18 8.75 3.47
N HIS A 12 -2.76 9.99 3.46
CA HIS A 12 -1.30 10.29 3.48
C HIS A 12 -0.64 9.49 4.60
N GLU A 13 -1.39 9.14 5.61
CA GLU A 13 -0.81 8.35 6.73
C GLU A 13 -0.58 6.92 6.28
N LEU A 14 -1.60 6.28 5.79
CA LEU A 14 -1.45 4.86 5.32
C LEU A 14 -0.41 4.80 4.20
N HIS A 15 -0.14 5.91 3.57
CA HIS A 15 0.85 5.91 2.45
C HIS A 15 2.27 5.86 3.03
N ASN A 16 2.46 6.37 4.21
CA ASN A 16 3.81 6.36 4.83
C ASN A 16 4.19 4.91 5.19
N LYS A 17 3.28 4.17 5.75
CA LYS A 17 3.61 2.76 6.13
C LYS A 17 3.72 1.90 4.87
N PHE A 18 2.89 2.15 3.90
CA PHE A 18 2.95 1.35 2.65
C PHE A 18 4.17 1.76 1.82
N LEU A 19 4.68 2.94 2.03
CA LEU A 19 5.88 3.38 1.25
C LEU A 19 7.15 2.84 1.90
N ALA A 20 7.21 2.82 3.20
CA ALA A 20 8.43 2.30 3.87
C ALA A 20 8.42 0.77 3.83
N ALA A 21 7.25 0.19 3.70
CA ALA A 21 7.18 -1.29 3.65
C ALA A 21 7.61 -1.76 2.25
N VAL A 22 7.21 -1.05 1.24
CA VAL A 22 7.61 -1.45 -0.14
C VAL A 22 9.09 -1.16 -0.32
N ASP A 23 9.52 0.01 0.08
CA ASP A 23 10.94 0.38 -0.04
C ASP A 23 11.79 -0.61 0.75
N HIS A 24 11.32 -0.99 1.91
CA HIS A 24 12.10 -1.95 2.75
C HIS A 24 12.35 -3.23 1.95
N LEU A 25 11.49 -3.55 1.02
CA LEU A 25 11.69 -4.78 0.21
C LEU A 25 12.17 -4.40 -1.19
N GLY A 26 12.19 -3.14 -1.50
CA GLY A 26 12.64 -2.72 -2.86
C GLY A 26 11.43 -2.73 -3.80
N VAL A 27 10.99 -1.59 -4.22
CA VAL A 27 9.81 -1.52 -5.13
C VAL A 27 10.00 -2.52 -6.27
N GLU A 28 11.21 -2.88 -6.56
CA GLU A 28 11.47 -3.84 -7.66
C GLU A 28 10.95 -5.24 -7.29
N ARG A 29 11.23 -5.68 -6.09
CA ARG A 29 10.76 -7.02 -5.66
C ARG A 29 9.69 -6.88 -4.57
N ALA A 30 9.16 -5.71 -4.40
CA ALA A 30 8.13 -5.51 -3.34
C ALA A 30 6.79 -6.09 -3.81
N VAL A 31 6.29 -7.07 -3.12
CA VAL A 31 4.98 -7.66 -3.50
C VAL A 31 3.94 -7.31 -2.44
N PRO A 32 2.69 -7.40 -2.81
CA PRO A 32 1.59 -7.09 -1.89
C PRO A 32 1.40 -8.21 -0.87
N LYS A 33 1.78 -9.40 -1.21
CA LYS A 33 1.64 -10.53 -0.26
C LYS A 33 2.61 -10.34 0.91
N LYS A 34 3.86 -10.10 0.61
CA LYS A 34 4.85 -9.89 1.70
C LYS A 34 4.56 -8.57 2.40
N ILE A 35 4.26 -7.54 1.66
CA ILE A 35 3.95 -6.24 2.30
C ILE A 35 2.71 -6.40 3.16
N LEU A 36 1.86 -7.33 2.83
CA LEU A 36 0.64 -7.53 3.65
C LEU A 36 1.07 -7.68 5.10
N ASP A 37 2.19 -8.33 5.33
CA ASP A 37 2.67 -8.49 6.72
C ASP A 37 3.24 -7.16 7.19
N LEU A 38 3.82 -6.40 6.30
CA LEU A 38 4.39 -5.07 6.66
C LEU A 38 3.29 -4.18 7.22
N MET A 39 2.09 -4.29 6.71
CA MET A 39 0.98 -3.43 7.22
C MET A 39 0.45 -4.03 8.53
N ASN A 40 0.19 -5.31 8.55
CA ASN A 40 -0.32 -5.94 9.79
C ASN A 40 -1.57 -5.18 10.27
N VAL A 41 -2.22 -4.50 9.38
CA VAL A 41 -3.43 -3.73 9.77
C VAL A 41 -4.66 -4.66 9.71
N ASP A 42 -5.70 -4.31 10.40
CA ASP A 42 -6.93 -5.17 10.36
C ASP A 42 -7.81 -4.74 9.19
N LYS A 43 -8.54 -5.66 8.62
CA LYS A 43 -9.43 -5.29 7.48
C LYS A 43 -8.60 -5.12 6.21
N LEU A 44 -7.30 -5.25 6.30
CA LEU A 44 -6.44 -5.09 5.09
C LEU A 44 -6.03 -6.48 4.58
N THR A 45 -6.75 -7.00 3.63
CA THR A 45 -6.40 -8.34 3.08
C THR A 45 -5.44 -8.18 1.90
N ARG A 46 -4.99 -9.28 1.35
CA ARG A 46 -4.05 -9.20 0.20
C ARG A 46 -4.82 -8.75 -1.05
N GLU A 47 -6.12 -8.89 -1.04
CA GLU A 47 -6.93 -8.48 -2.21
C GLU A 47 -7.12 -6.96 -2.20
N ASN A 48 -7.22 -6.37 -1.04
CA ASN A 48 -7.40 -4.90 -0.96
C ASN A 48 -6.09 -4.19 -1.30
N VAL A 49 -4.98 -4.74 -0.86
CA VAL A 49 -3.67 -4.11 -1.16
C VAL A 49 -3.21 -4.53 -2.55
N ALA A 50 -3.65 -5.68 -3.00
CA ALA A 50 -3.25 -6.15 -4.36
C ALA A 50 -3.91 -5.27 -5.42
N SER A 51 -4.98 -4.61 -5.08
CA SER A 51 -5.66 -3.73 -6.06
C SER A 51 -4.84 -2.45 -6.24
N HIS A 52 -4.45 -1.82 -5.17
CA HIS A 52 -3.64 -0.58 -5.27
C HIS A 52 -2.40 -0.87 -6.11
N LEU A 53 -1.92 -2.08 -6.08
CA LEU A 53 -0.70 -2.44 -6.87
C LEU A 53 -1.08 -2.55 -8.34
N GLN A 54 -2.27 -3.00 -8.64
CA GLN A 54 -2.70 -3.12 -10.06
C GLN A 54 -2.78 -1.74 -10.69
N LYS A 55 -3.09 -0.74 -9.91
CA LYS A 55 -3.19 0.63 -10.46
C LYS A 55 -1.79 1.16 -10.77
N PHE A 56 -0.77 0.59 -10.16
CA PHE A 56 0.61 1.07 -10.42
C PHE A 56 1.01 0.71 -11.85
N ARG A 57 0.69 -0.48 -12.29
CA ARG A 57 1.04 -0.86 -13.68
C ARG A 57 0.36 0.11 -14.64
N VAL A 58 -0.89 0.43 -14.39
CA VAL A 58 -1.60 1.38 -15.27
C VAL A 58 -0.91 2.75 -15.15
N ALA A 59 -0.39 3.03 -13.99
CA ALA A 59 0.32 4.32 -13.78
C ALA A 59 1.75 4.20 -14.28
N LEU A 60 2.17 2.99 -14.56
CA LEU A 60 3.55 2.76 -15.06
C LEU A 60 3.65 3.19 -16.53
N LYS A 61 2.59 3.77 -17.07
CA LYS A 61 2.59 4.21 -18.49
C LYS A 61 2.51 2.99 -19.41
N LYS A 62 1.49 2.21 -19.23
CA LYS A 62 1.31 0.98 -20.07
C LYS A 62 2.67 0.37 -20.43
N VAL A 63 3.33 -0.24 -19.47
CA VAL A 63 4.65 -0.84 -19.76
C VAL A 63 4.65 -2.31 -19.32
N SER A 64 5.57 -3.09 -19.84
CA SER A 64 5.62 -4.53 -19.45
C SER A 64 6.68 -4.74 -18.38
N THR A 1 -15.56 14.89 14.64
CA THR A 1 -14.59 15.88 15.18
C THR A 1 -13.19 15.59 14.62
N ALA A 2 -12.71 14.39 14.81
CA ALA A 2 -11.36 14.04 14.29
C ALA A 2 -11.02 12.60 14.67
N GLN A 3 -10.11 11.99 13.95
CA GLN A 3 -9.74 10.58 14.26
C GLN A 3 -10.93 9.67 14.01
N LYS A 4 -11.33 9.54 12.77
CA LYS A 4 -12.48 8.65 12.44
C LYS A 4 -12.24 8.01 11.07
N LYS A 5 -11.69 6.82 11.05
CA LYS A 5 -11.42 6.16 9.75
C LYS A 5 -12.13 4.80 9.68
N PRO A 6 -13.24 4.77 9.00
CA PRO A 6 -14.01 3.52 8.83
C PRO A 6 -13.35 2.66 7.75
N ARG A 7 -12.81 1.53 8.11
CA ARG A 7 -12.14 0.68 7.11
C ARG A 7 -10.94 1.44 6.53
N VAL A 8 -9.81 1.38 7.19
CA VAL A 8 -8.59 2.09 6.70
C VAL A 8 -8.50 1.96 5.17
N LEU A 9 -8.30 3.06 4.49
CA LEU A 9 -8.20 3.00 3.01
C LEU A 9 -6.81 3.48 2.59
N TRP A 10 -6.47 4.71 2.90
CA TRP A 10 -5.13 5.26 2.51
C TRP A 10 -5.03 6.71 2.99
N THR A 11 -4.89 6.93 4.27
CA THR A 11 -4.79 8.32 4.78
C THR A 11 -3.32 8.79 4.68
N HIS A 12 -3.10 10.07 4.75
CA HIS A 12 -1.71 10.60 4.65
C HIS A 12 -0.84 9.92 5.71
N GLU A 13 -1.44 9.45 6.77
CA GLU A 13 -0.67 8.78 7.85
C GLU A 13 -0.45 7.32 7.49
N LEU A 14 -1.48 6.65 7.06
CA LEU A 14 -1.36 5.21 6.70
C LEU A 14 -0.43 5.06 5.49
N HIS A 15 -0.22 6.12 4.76
CA HIS A 15 0.68 6.04 3.57
C HIS A 15 2.13 6.11 4.05
N ASN A 16 2.36 6.66 5.20
CA ASN A 16 3.76 6.76 5.72
C ASN A 16 4.26 5.36 6.11
N LYS A 17 3.37 4.49 6.49
CA LYS A 17 3.80 3.12 6.89
C LYS A 17 4.03 2.27 5.64
N PHE A 18 3.19 2.43 4.65
CA PHE A 18 3.37 1.64 3.41
C PHE A 18 4.52 2.22 2.60
N LEU A 19 4.83 3.47 2.80
CA LEU A 19 5.96 4.09 2.05
C LEU A 19 7.28 3.62 2.64
N ALA A 20 7.38 3.55 3.93
CA ALA A 20 8.65 3.10 4.55
C ALA A 20 8.80 1.59 4.37
N ALA A 21 7.71 0.90 4.21
CA ALA A 21 7.81 -0.58 4.02
C ALA A 21 8.24 -0.87 2.58
N VAL A 22 7.70 -0.15 1.63
CA VAL A 22 8.09 -0.38 0.21
C VAL A 22 9.54 0.03 0.04
N ASP A 23 9.89 1.17 0.57
CA ASP A 23 11.29 1.65 0.45
C ASP A 23 12.24 0.66 1.12
N HIS A 24 11.89 0.22 2.29
CA HIS A 24 12.76 -0.75 3.01
C HIS A 24 12.89 -2.05 2.22
N LEU A 25 11.95 -2.35 1.37
CA LEU A 25 12.04 -3.60 0.57
C LEU A 25 12.37 -3.28 -0.88
N GLY A 26 12.45 -2.02 -1.22
CA GLY A 26 12.77 -1.66 -2.63
C GLY A 26 11.49 -1.84 -3.48
N VAL A 27 10.89 -0.76 -3.88
CA VAL A 27 9.65 -0.86 -4.70
C VAL A 27 9.89 -1.79 -5.88
N GLU A 28 11.12 -2.00 -6.24
CA GLU A 28 11.42 -2.90 -7.40
C GLU A 28 10.98 -4.33 -7.05
N ARG A 29 11.28 -4.79 -5.88
CA ARG A 29 10.87 -6.18 -5.49
C ARG A 29 9.89 -6.12 -4.31
N ALA A 30 9.36 -4.96 -4.02
CA ALA A 30 8.41 -4.85 -2.88
C ALA A 30 7.01 -5.25 -3.33
N VAL A 31 6.45 -6.28 -2.73
CA VAL A 31 5.09 -6.72 -3.14
C VAL A 31 4.10 -6.31 -2.03
N PRO A 32 2.85 -6.25 -2.40
CA PRO A 32 1.77 -5.87 -1.46
C PRO A 32 1.45 -7.04 -0.53
N LYS A 33 1.70 -8.23 -0.97
CA LYS A 33 1.42 -9.42 -0.11
C LYS A 33 2.40 -9.43 1.06
N LYS A 34 3.67 -9.31 0.79
CA LYS A 34 4.66 -9.31 1.90
C LYS A 34 4.53 -8.01 2.69
N ILE A 35 4.34 -6.91 2.03
CA ILE A 35 4.19 -5.62 2.76
C ILE A 35 2.90 -5.69 3.57
N LEU A 36 1.96 -6.50 3.15
CA LEU A 36 0.70 -6.60 3.93
C LEU A 36 1.07 -6.91 5.38
N ASP A 37 2.07 -7.74 5.57
CA ASP A 37 2.49 -8.06 6.96
C ASP A 37 3.20 -6.84 7.54
N LEU A 38 3.92 -6.13 6.71
CA LEU A 38 4.63 -4.92 7.19
C LEU A 38 3.62 -3.93 7.79
N MET A 39 2.43 -3.89 7.27
CA MET A 39 1.42 -2.96 7.82
C MET A 39 0.97 -3.43 9.20
N ASN A 40 0.73 -4.71 9.35
CA ASN A 40 0.28 -5.23 10.67
C ASN A 40 -0.97 -4.46 11.12
N VAL A 41 -1.72 -3.96 10.18
CA VAL A 41 -2.95 -3.20 10.54
C VAL A 41 -4.16 -4.13 10.45
N ASP A 42 -5.15 -3.92 11.27
CA ASP A 42 -6.34 -4.80 11.21
C ASP A 42 -7.31 -4.29 10.13
N LYS A 43 -8.03 -5.18 9.51
CA LYS A 43 -8.99 -4.75 8.44
C LYS A 43 -8.22 -4.42 7.15
N LEU A 44 -6.93 -4.56 7.17
CA LEU A 44 -6.13 -4.26 5.95
C LEU A 44 -5.76 -5.57 5.25
N THR A 45 -6.34 -5.83 4.11
CA THR A 45 -6.03 -7.09 3.38
C THR A 45 -4.96 -6.82 2.32
N ARG A 46 -4.45 -7.85 1.70
CA ARG A 46 -3.39 -7.64 0.67
C ARG A 46 -4.05 -7.14 -0.63
N GLU A 47 -5.34 -7.31 -0.75
CA GLU A 47 -6.02 -6.83 -1.98
C GLU A 47 -6.17 -5.31 -1.94
N ASN A 48 -6.38 -4.76 -0.77
CA ASN A 48 -6.53 -3.28 -0.66
C ASN A 48 -5.22 -2.61 -1.05
N VAL A 49 -4.11 -3.17 -0.67
CA VAL A 49 -2.80 -2.56 -1.02
C VAL A 49 -2.42 -2.98 -2.44
N ALA A 50 -2.91 -4.12 -2.87
CA ALA A 50 -2.58 -4.59 -4.24
C ALA A 50 -3.29 -3.71 -5.27
N SER A 51 -4.41 -3.14 -4.91
CA SER A 51 -5.15 -2.28 -5.87
C SER A 51 -4.37 -0.98 -6.08
N HIS A 52 -3.98 -0.32 -5.02
CA HIS A 52 -3.22 0.95 -5.18
C HIS A 52 -1.95 0.68 -5.98
N LEU A 53 -1.39 -0.50 -5.84
CA LEU A 53 -0.16 -0.84 -6.59
C LEU A 53 -0.53 -1.18 -8.04
N GLN A 54 -1.74 -1.60 -8.27
CA GLN A 54 -2.16 -1.94 -9.66
C GLN A 54 -2.27 -0.66 -10.48
N LYS A 55 -2.79 0.39 -9.91
CA LYS A 55 -2.92 1.66 -10.67
C LYS A 55 -1.54 2.08 -11.19
N PHE A 56 -0.51 1.79 -10.44
CA PHE A 56 0.86 2.16 -10.90
C PHE A 56 1.23 1.29 -12.10
N ARG A 57 0.99 0.01 -12.01
CA ARG A 57 1.31 -0.88 -13.16
C ARG A 57 0.65 -0.30 -14.41
N VAL A 58 -0.54 0.23 -14.26
CA VAL A 58 -1.24 0.84 -15.42
C VAL A 58 -0.44 2.07 -15.87
N ALA A 59 0.10 2.79 -14.92
CA ALA A 59 0.92 3.98 -15.27
C ALA A 59 2.28 3.52 -15.79
N LEU A 60 2.59 2.26 -15.61
CA LEU A 60 3.89 1.72 -16.08
C LEU A 60 3.70 0.95 -17.38
N LYS A 61 2.47 0.81 -17.84
CA LYS A 61 2.23 0.07 -19.10
C LYS A 61 3.21 0.56 -20.16
N LYS A 62 3.20 1.83 -20.44
CA LYS A 62 4.13 2.38 -21.47
C LYS A 62 5.58 2.13 -21.02
N VAL A 63 6.13 1.00 -21.38
CA VAL A 63 7.53 0.69 -20.98
C VAL A 63 8.20 -0.14 -22.06
N SER A 64 9.20 0.39 -22.71
CA SER A 64 9.89 -0.38 -23.78
C SER A 64 8.86 -1.03 -24.70
N THR A 1 -10.14 18.18 14.33
CA THR A 1 -9.25 19.00 13.46
C THR A 1 -9.41 18.55 12.00
N ALA A 2 -8.95 17.37 11.67
CA ALA A 2 -9.08 16.89 10.28
C ALA A 2 -9.85 15.56 10.26
N GLN A 3 -11.10 15.59 10.66
CA GLN A 3 -11.90 14.33 10.68
C GLN A 3 -11.26 13.32 11.63
N LYS A 4 -11.90 13.06 12.73
CA LYS A 4 -11.32 12.08 13.70
C LYS A 4 -10.80 10.86 12.94
N LYS A 5 -9.52 10.59 13.04
CA LYS A 5 -8.94 9.42 12.32
C LYS A 5 -9.90 8.24 12.41
N PRO A 6 -10.65 8.03 11.36
CA PRO A 6 -11.64 6.93 11.28
C PRO A 6 -10.95 5.62 10.89
N ARG A 7 -10.94 4.65 11.78
CA ARG A 7 -10.31 3.32 11.49
C ARG A 7 -9.17 3.46 10.48
N VAL A 8 -7.95 3.50 10.95
CA VAL A 8 -6.79 3.62 10.01
C VAL A 8 -6.91 2.56 8.91
N LEU A 9 -7.57 2.89 7.84
CA LEU A 9 -7.72 1.91 6.72
C LEU A 9 -7.02 2.45 5.48
N TRP A 10 -6.91 3.74 5.36
CA TRP A 10 -6.24 4.34 4.17
C TRP A 10 -6.09 5.85 4.38
N THR A 11 -5.29 6.24 5.34
CA THR A 11 -5.12 7.70 5.59
C THR A 11 -3.68 8.11 5.26
N HIS A 12 -3.40 9.39 5.30
CA HIS A 12 -2.02 9.87 4.99
C HIS A 12 -1.01 9.07 5.81
N GLU A 13 -1.42 8.57 6.94
CA GLU A 13 -0.48 7.77 7.79
C GLU A 13 -0.23 6.41 7.13
N LEU A 14 -1.29 5.69 6.84
CA LEU A 14 -1.12 4.36 6.20
C LEU A 14 -0.30 4.51 4.93
N HIS A 15 -0.29 5.67 4.34
CA HIS A 15 0.50 5.89 3.09
C HIS A 15 1.99 5.91 3.41
N ASN A 16 2.36 6.48 4.53
CA ASN A 16 3.81 6.53 4.87
C ASN A 16 4.31 5.14 5.25
N LYS A 17 3.44 4.28 5.69
CA LYS A 17 3.87 2.90 6.07
C LYS A 17 4.02 2.06 4.81
N PHE A 18 3.11 2.18 3.88
CA PHE A 18 3.21 1.38 2.63
C PHE A 18 4.37 1.88 1.78
N LEU A 19 4.77 3.11 1.97
CA LEU A 19 5.90 3.66 1.18
C LEU A 19 7.22 3.19 1.77
N ALA A 20 7.35 3.24 3.07
CA ALA A 20 8.62 2.79 3.70
C ALA A 20 8.72 1.26 3.61
N ALA A 21 7.61 0.60 3.46
CA ALA A 21 7.65 -0.89 3.35
C ALA A 21 8.13 -1.26 1.95
N VAL A 22 7.62 -0.60 0.95
CA VAL A 22 8.05 -0.91 -0.45
C VAL A 22 9.53 -0.57 -0.59
N ASP A 23 9.91 0.59 -0.13
CA ASP A 23 11.34 1.00 -0.22
C ASP A 23 12.20 0.00 0.54
N HIS A 24 11.76 -0.38 1.70
CA HIS A 24 12.55 -1.35 2.52
C HIS A 24 12.75 -2.65 1.73
N LEU A 25 11.89 -2.92 0.78
CA LEU A 25 12.05 -4.17 -0.01
C LEU A 25 12.49 -3.85 -1.44
N GLY A 26 12.57 -2.59 -1.77
CA GLY A 26 12.98 -2.22 -3.16
C GLY A 26 11.74 -2.23 -4.05
N VAL A 27 11.30 -1.08 -4.47
CA VAL A 27 10.09 -1.02 -5.35
C VAL A 27 10.27 -1.94 -6.55
N GLU A 28 11.48 -2.30 -6.86
CA GLU A 28 11.72 -3.20 -8.03
C GLU A 28 11.14 -4.59 -7.75
N ARG A 29 11.39 -5.12 -6.59
CA ARG A 29 10.86 -6.48 -6.26
C ARG A 29 9.87 -6.38 -5.09
N ALA A 30 9.42 -5.21 -4.76
CA ALA A 30 8.46 -5.06 -3.64
C ALA A 30 7.10 -5.60 -4.05
N VAL A 31 6.73 -6.75 -3.56
CA VAL A 31 5.40 -7.32 -3.90
C VAL A 31 4.38 -6.91 -2.84
N PRO A 32 3.13 -6.98 -3.19
CA PRO A 32 2.03 -6.62 -2.28
C PRO A 32 1.80 -7.73 -1.25
N LYS A 33 2.09 -8.95 -1.62
CA LYS A 33 1.90 -10.08 -0.66
C LYS A 33 2.88 -9.91 0.50
N LYS A 34 4.13 -9.69 0.22
CA LYS A 34 5.11 -9.53 1.31
C LYS A 34 4.82 -8.23 2.08
N ILE A 35 4.57 -7.16 1.38
CA ILE A 35 4.27 -5.89 2.10
C ILE A 35 3.00 -6.08 2.91
N LEU A 36 2.17 -7.01 2.53
CA LEU A 36 0.93 -7.26 3.30
C LEU A 36 1.32 -7.49 4.76
N ASP A 37 2.42 -8.15 4.99
CA ASP A 37 2.86 -8.38 6.39
C ASP A 37 3.43 -7.07 6.94
N LEU A 38 4.01 -6.27 6.09
CA LEU A 38 4.57 -4.97 6.53
C LEU A 38 3.44 -4.13 7.14
N MET A 39 2.25 -4.27 6.63
CA MET A 39 1.12 -3.48 7.17
C MET A 39 0.53 -4.18 8.39
N ASN A 40 0.25 -5.45 8.28
CA ASN A 40 -0.34 -6.19 9.44
C ASN A 40 -1.54 -5.41 9.97
N VAL A 41 -2.13 -4.61 9.14
CA VAL A 41 -3.31 -3.81 9.58
C VAL A 41 -4.57 -4.68 9.50
N ASP A 42 -5.54 -4.41 10.32
CA ASP A 42 -6.79 -5.22 10.30
C ASP A 42 -7.77 -4.60 9.29
N LYS A 43 -8.60 -5.41 8.69
CA LYS A 43 -9.59 -4.88 7.70
C LYS A 43 -8.87 -4.58 6.38
N LEU A 44 -7.58 -4.79 6.32
CA LEU A 44 -6.84 -4.53 5.06
C LEU A 44 -6.63 -5.84 4.31
N THR A 45 -7.37 -6.08 3.27
CA THR A 45 -7.21 -7.35 2.51
C THR A 45 -6.06 -7.19 1.51
N ARG A 46 -5.55 -8.29 1.00
CA ARG A 46 -4.42 -8.21 0.03
C ARG A 46 -4.93 -7.62 -1.28
N GLU A 47 -6.21 -7.65 -1.50
CA GLU A 47 -6.77 -7.10 -2.76
C GLU A 47 -6.88 -5.57 -2.65
N ASN A 48 -7.02 -5.07 -1.45
CA ASN A 48 -7.12 -3.60 -1.27
C ASN A 48 -5.77 -2.95 -1.56
N VAL A 49 -4.70 -3.55 -1.11
CA VAL A 49 -3.35 -2.96 -1.37
C VAL A 49 -2.88 -3.39 -2.75
N ALA A 50 -3.29 -4.55 -3.19
CA ALA A 50 -2.86 -5.03 -4.54
C ALA A 50 -3.58 -4.21 -5.61
N SER A 51 -4.66 -3.57 -5.26
CA SER A 51 -5.41 -2.76 -6.26
C SER A 51 -4.66 -1.45 -6.51
N HIS A 52 -4.29 -0.76 -5.45
CA HIS A 52 -3.56 0.52 -5.63
C HIS A 52 -2.27 0.26 -6.43
N LEU A 53 -1.71 -0.91 -6.28
CA LEU A 53 -0.46 -1.23 -7.04
C LEU A 53 -0.82 -1.60 -8.47
N GLN A 54 -2.00 -2.11 -8.69
CA GLN A 54 -2.42 -2.49 -10.07
C GLN A 54 -2.59 -1.23 -10.92
N LYS A 55 -2.87 -0.12 -10.30
CA LYS A 55 -3.05 1.15 -11.06
C LYS A 55 -1.69 1.61 -11.59
N PHE A 56 -0.63 1.29 -10.90
CA PHE A 56 0.72 1.72 -11.36
C PHE A 56 1.22 0.75 -12.44
N ARG A 57 1.19 -0.52 -12.17
CA ARG A 57 1.66 -1.49 -13.21
C ARG A 57 0.87 -1.24 -14.48
N VAL A 58 -0.40 -0.97 -14.34
CA VAL A 58 -1.24 -0.68 -15.54
C VAL A 58 -0.72 0.60 -16.17
N ALA A 59 -0.42 1.59 -15.36
CA ALA A 59 0.11 2.87 -15.90
C ALA A 59 1.53 2.62 -16.44
N LEU A 60 2.10 1.49 -16.12
CA LEU A 60 3.47 1.18 -16.60
C LEU A 60 3.39 0.19 -17.77
N LYS A 61 2.24 -0.39 -17.98
CA LYS A 61 2.09 -1.35 -19.11
C LYS A 61 1.97 -0.58 -20.43
N LYS A 62 0.81 -0.03 -20.68
CA LYS A 62 0.61 0.74 -21.95
C LYS A 62 1.14 2.16 -21.77
N VAL A 63 2.44 2.33 -21.85
CA VAL A 63 3.02 3.69 -21.69
C VAL A 63 4.44 3.70 -22.25
N SER A 64 4.69 4.47 -23.27
CA SER A 64 6.06 4.52 -23.86
C SER A 64 6.74 5.82 -23.44
N THR A 1 -18.10 9.41 14.65
CA THR A 1 -16.72 9.65 14.14
C THR A 1 -15.76 9.81 15.32
N ALA A 2 -15.57 8.77 16.09
CA ALA A 2 -14.65 8.86 17.26
C ALA A 2 -13.21 8.92 16.76
N GLN A 3 -12.27 9.08 17.64
CA GLN A 3 -10.84 9.14 17.22
C GLN A 3 -10.33 7.72 16.97
N LYS A 4 -10.17 7.35 15.73
CA LYS A 4 -9.67 5.98 15.43
C LYS A 4 -9.37 5.87 13.94
N LYS A 5 -8.46 6.66 13.44
CA LYS A 5 -8.13 6.60 11.99
C LYS A 5 -9.41 6.80 11.17
N PRO A 6 -9.61 8.00 10.69
CA PRO A 6 -10.79 8.34 9.90
C PRO A 6 -10.62 7.86 8.45
N ARG A 7 -11.43 6.92 8.04
CA ARG A 7 -11.33 6.39 6.63
C ARG A 7 -9.87 6.31 6.20
N VAL A 8 -9.04 5.63 6.95
CA VAL A 8 -7.61 5.51 6.55
C VAL A 8 -7.46 4.40 5.51
N LEU A 9 -7.70 4.72 4.27
CA LEU A 9 -7.57 3.69 3.20
C LEU A 9 -6.32 4.00 2.38
N TRP A 10 -5.96 5.25 2.30
CA TRP A 10 -4.75 5.64 1.52
C TRP A 10 -4.52 7.15 1.69
N THR A 11 -4.14 7.57 2.86
CA THR A 11 -3.91 9.03 3.08
C THR A 11 -2.42 9.29 3.32
N HIS A 12 -2.04 10.53 3.44
CA HIS A 12 -0.60 10.85 3.67
C HIS A 12 -0.07 9.99 4.81
N GLU A 13 -0.95 9.51 5.67
CA GLU A 13 -0.50 8.67 6.81
C GLU A 13 -0.20 7.26 6.30
N LEU A 14 -1.14 6.65 5.63
CA LEU A 14 -0.90 5.28 5.10
C LEU A 14 0.25 5.27 4.10
N HIS A 15 0.56 6.41 3.54
CA HIS A 15 1.66 6.47 2.55
C HIS A 15 3.01 6.47 3.26
N ASN A 16 3.03 6.86 4.51
CA ASN A 16 4.32 6.88 5.26
C ASN A 16 4.73 5.45 5.62
N LYS A 17 3.78 4.63 5.99
CA LYS A 17 4.14 3.22 6.34
C LYS A 17 4.40 2.43 5.06
N PHE A 18 3.60 2.66 4.05
CA PHE A 18 3.81 1.93 2.77
C PHE A 18 5.10 2.41 2.09
N LEU A 19 5.56 3.59 2.43
CA LEU A 19 6.81 4.09 1.80
C LEU A 19 8.02 3.49 2.50
N ALA A 20 8.03 3.44 3.80
CA ALA A 20 9.20 2.86 4.52
C ALA A 20 9.16 1.34 4.38
N ALA A 21 8.01 0.80 4.08
CA ALA A 21 7.91 -0.67 3.92
C ALA A 21 8.48 -1.08 2.57
N VAL A 22 8.15 -0.34 1.53
CA VAL A 22 8.67 -0.67 0.18
C VAL A 22 10.18 -0.50 0.18
N ASP A 23 10.63 0.56 0.77
CA ASP A 23 12.10 0.83 0.83
C ASP A 23 12.80 -0.34 1.51
N HIS A 24 12.23 -0.81 2.59
CA HIS A 24 12.85 -1.94 3.33
C HIS A 24 12.93 -3.19 2.43
N LEU A 25 12.10 -3.27 1.43
CA LEU A 25 12.14 -4.48 0.54
C LEU A 25 12.65 -4.10 -0.84
N GLY A 26 12.94 -2.85 -1.07
CA GLY A 26 13.44 -2.44 -2.41
C GLY A 26 12.24 -2.29 -3.34
N VAL A 27 11.90 -1.09 -3.71
CA VAL A 27 10.73 -0.87 -4.60
C VAL A 27 10.89 -1.72 -5.87
N GLU A 28 12.07 -2.16 -6.16
CA GLU A 28 12.28 -3.00 -7.38
C GLU A 28 11.53 -4.33 -7.24
N ARG A 29 11.68 -4.98 -6.12
CA ARG A 29 10.99 -6.29 -5.93
C ARG A 29 10.00 -6.19 -4.77
N ALA A 30 9.68 -5.00 -4.34
CA ALA A 30 8.72 -4.83 -3.21
C ALA A 30 7.36 -5.37 -3.61
N VAL A 31 6.86 -6.35 -2.91
CA VAL A 31 5.52 -6.91 -3.24
C VAL A 31 4.51 -6.44 -2.19
N PRO A 32 3.25 -6.49 -2.55
CA PRO A 32 2.17 -6.07 -1.65
C PRO A 32 1.91 -7.14 -0.60
N LYS A 33 2.26 -8.36 -0.88
CA LYS A 33 2.06 -9.45 0.10
C LYS A 33 3.03 -9.26 1.26
N LYS A 34 4.26 -8.96 0.99
CA LYS A 34 5.26 -8.76 2.09
C LYS A 34 4.92 -7.48 2.83
N ILE A 35 4.67 -6.41 2.13
CA ILE A 35 4.35 -5.15 2.84
C ILE A 35 3.03 -5.35 3.59
N LEU A 36 2.20 -6.25 3.12
CA LEU A 36 0.92 -6.49 3.83
C LEU A 36 1.25 -6.76 5.30
N ASP A 37 2.37 -7.38 5.56
CA ASP A 37 2.75 -7.65 6.97
C ASP A 37 3.28 -6.34 7.57
N LEU A 38 3.94 -5.55 6.75
CA LEU A 38 4.47 -4.25 7.24
C LEU A 38 3.33 -3.39 7.79
N MET A 39 2.16 -3.50 7.21
CA MET A 39 1.01 -2.68 7.70
C MET A 39 0.31 -3.41 8.84
N ASN A 40 0.04 -4.67 8.67
CA ASN A 40 -0.65 -5.43 9.75
C ASN A 40 -1.91 -4.66 10.17
N VAL A 41 -2.42 -3.85 9.30
CA VAL A 41 -3.64 -3.06 9.63
C VAL A 41 -4.88 -3.96 9.51
N ASP A 42 -5.95 -3.61 10.18
CA ASP A 42 -7.19 -4.44 10.11
C ASP A 42 -7.98 -4.06 8.86
N LYS A 43 -8.60 -5.02 8.22
CA LYS A 43 -9.40 -4.72 7.01
C LYS A 43 -8.45 -4.48 5.82
N LEU A 44 -7.17 -4.66 6.02
CA LEU A 44 -6.21 -4.45 4.91
C LEU A 44 -5.60 -5.79 4.50
N THR A 45 -6.08 -6.36 3.43
CA THR A 45 -5.53 -7.67 2.98
C THR A 45 -4.43 -7.42 1.94
N ARG A 46 -3.70 -8.45 1.58
CA ARG A 46 -2.62 -8.27 0.57
C ARG A 46 -3.24 -7.78 -0.75
N GLU A 47 -4.50 -8.02 -0.95
CA GLU A 47 -5.16 -7.57 -2.20
C GLU A 47 -5.37 -6.05 -2.13
N ASN A 48 -5.60 -5.52 -0.96
CA ASN A 48 -5.81 -4.05 -0.84
C ASN A 48 -4.52 -3.32 -1.20
N VAL A 49 -3.39 -3.89 -0.87
CA VAL A 49 -2.09 -3.23 -1.19
C VAL A 49 -1.71 -3.55 -2.63
N ALA A 50 -2.11 -4.70 -3.12
CA ALA A 50 -1.78 -5.06 -4.52
C ALA A 50 -2.66 -4.27 -5.46
N SER A 51 -3.76 -3.75 -4.98
CA SER A 51 -4.67 -2.95 -5.85
C SER A 51 -4.06 -1.56 -6.08
N HIS A 52 -3.64 -0.92 -5.02
CA HIS A 52 -3.02 0.43 -5.17
C HIS A 52 -1.81 0.32 -6.11
N LEU A 53 -1.07 -0.74 -6.00
CA LEU A 53 0.12 -0.91 -6.87
C LEU A 53 -0.35 -1.13 -8.31
N GLN A 54 -1.39 -1.88 -8.49
CA GLN A 54 -1.91 -2.13 -9.87
C GLN A 54 -2.33 -0.81 -10.50
N LYS A 55 -2.77 0.13 -9.69
CA LYS A 55 -3.20 1.45 -10.24
C LYS A 55 -2.02 2.10 -10.95
N PHE A 56 -0.83 1.95 -10.41
CA PHE A 56 0.36 2.56 -11.06
C PHE A 56 0.56 1.93 -12.43
N ARG A 57 0.49 0.63 -12.53
CA ARG A 57 0.65 -0.03 -13.86
C ARG A 57 -0.36 0.61 -14.82
N VAL A 58 -1.53 0.93 -14.33
CA VAL A 58 -2.55 1.57 -15.20
C VAL A 58 -2.02 2.94 -15.60
N ALA A 59 -1.37 3.61 -14.69
CA ALA A 59 -0.79 4.94 -15.02
C ALA A 59 0.46 4.75 -15.89
N LEU A 60 0.93 3.53 -15.96
CA LEU A 60 2.14 3.24 -16.78
C LEU A 60 1.75 3.13 -18.26
N LYS A 61 0.50 3.41 -18.57
CA LYS A 61 0.02 3.32 -19.99
C LYS A 61 -0.45 1.91 -20.28
N LYS A 62 -1.62 1.56 -19.81
CA LYS A 62 -2.16 0.19 -20.07
C LYS A 62 -1.05 -0.84 -19.88
N VAL A 63 -0.47 -0.90 -18.70
CA VAL A 63 0.62 -1.88 -18.46
C VAL A 63 0.22 -2.83 -17.32
N SER A 64 -0.90 -3.49 -17.46
CA SER A 64 -1.35 -4.43 -16.39
C SER A 64 -0.54 -5.73 -16.48
#